data_4D2T
#
_entry.id   4D2T
#
_cell.length_a   66.526
_cell.length_b   75.410
_cell.length_c   79.736
_cell.angle_alpha   86.03
_cell.angle_beta   69.05
_cell.angle_gamma   90.03
#
_symmetry.space_group_name_H-M   'P 1'
#
loop_
_entity.id
_entity.type
_entity.pdbx_description
1 polymer 'MATERNAL EMBRYONIC LEUCINE ZIPPER KINASE'
2 non-polymer 3-[2-(phenylcarbamoyl)-5-(1H-pyrazol-4-yl)phenoxy]propan-1-aminium
3 water water
#
_entity_poly.entity_id   1
_entity_poly.type   'polypeptide(L)'
_entity_poly.pdbx_seq_one_letter_code
;MGSSHHHHHHSSGLVPRGSHMKDYDELLKYYELHETIGTGGFAKVKLACHILTGEMVAIKIMDKNTLGSDLPRIKTEIEA
LKNLRHQHICQLYHVLETANKIFMVLEYCPGGELFDYIISQDRLSEEETRVVFRQIVSAVAYVHSQGYAHRDLKPENLLF
DEYHKLKLIDFGLCAKPKGNKDYHLQACCGALAYAAPELIQGKSYLGSEADVWSMGILLYVLMCGFLPFDDDTAAALVAK
IMRGKYDVPKWLSPSSILLLQQMLQVDPKKRISMKNLLNHPWIMQDYNYPVEWQSKNPFIHLDDDCVTELSVHHRNNRQT
MEDLISLWQYDHLTATYLLLLAKKARGKPVRLRLSS
;
_entity_poly.pdbx_strand_id   A,B,C,D
#
# COMPACT_ATOMS: atom_id res chain seq x y z
N MET A 21 -17.19 -4.05 -23.31
CA MET A 21 -18.03 -3.94 -24.50
C MET A 21 -17.40 -4.62 -25.75
N LYS A 22 -18.03 -4.44 -26.92
CA LYS A 22 -17.53 -4.96 -28.19
C LYS A 22 -16.53 -4.00 -28.86
N ASP A 23 -16.41 -2.74 -28.36
CA ASP A 23 -15.46 -1.72 -28.85
C ASP A 23 -13.99 -2.05 -28.52
N TYR A 24 -13.76 -2.76 -27.40
CA TYR A 24 -12.44 -3.10 -26.87
C TYR A 24 -11.86 -4.37 -27.51
N ASP A 25 -12.58 -4.99 -28.46
CA ASP A 25 -12.20 -6.26 -29.07
C ASP A 25 -10.94 -6.20 -29.94
N GLU A 26 -10.74 -5.10 -30.70
CA GLU A 26 -9.51 -4.92 -31.48
C GLU A 26 -8.36 -4.46 -30.57
N LEU A 27 -8.69 -3.75 -29.47
CA LEU A 27 -7.75 -3.27 -28.46
C LEU A 27 -7.15 -4.44 -27.69
N LEU A 28 -8.01 -5.38 -27.24
CA LEU A 28 -7.62 -6.54 -26.45
C LEU A 28 -6.89 -7.65 -27.25
N LYS A 29 -6.81 -7.51 -28.60
CA LYS A 29 -5.93 -8.31 -29.47
C LYS A 29 -4.46 -7.93 -29.24
N TYR A 30 -4.21 -6.66 -28.84
CA TYR A 30 -2.84 -6.10 -28.75
C TYR A 30 -2.40 -5.65 -27.34
N TYR A 31 -3.35 -5.22 -26.50
CA TYR A 31 -3.04 -4.69 -25.15
C TYR A 31 -3.78 -5.47 -24.05
N GLU A 32 -3.07 -5.77 -22.96
CA GLU A 32 -3.60 -6.34 -21.73
C GLU A 32 -3.85 -5.15 -20.77
N LEU A 33 -5.14 -4.71 -20.66
CA LEU A 33 -5.51 -3.49 -19.94
C LEU A 33 -5.27 -3.56 -18.44
N HIS A 34 -5.07 -2.38 -17.80
CA HIS A 34 -4.79 -2.26 -16.38
C HIS A 34 -5.60 -1.13 -15.71
N GLU A 35 -5.14 -0.71 -14.50
CA GLU A 35 -5.69 0.35 -13.64
C GLU A 35 -6.11 1.62 -14.39
N THR A 36 -7.31 2.14 -14.11
CA THR A 36 -7.74 3.43 -14.61
C THR A 36 -7.09 4.52 -13.78
N ILE A 37 -6.54 5.53 -14.47
CA ILE A 37 -5.95 6.76 -13.93
C ILE A 37 -6.46 7.95 -14.78
N GLY A 38 -7.77 7.91 -15.04
CA GLY A 38 -8.54 8.89 -15.79
C GLY A 38 -10.04 8.69 -15.60
N THR A 39 -10.63 9.42 -14.65
CA THR A 39 -12.07 9.38 -14.37
C THR A 39 -12.67 10.81 -14.45
N GLY A 40 -13.16 11.15 -15.64
CA GLY A 40 -13.73 12.47 -15.94
C GLY A 40 -13.61 12.86 -17.40
N GLY A 41 -14.64 12.54 -18.18
CA GLY A 41 -14.72 12.82 -19.62
C GLY A 41 -14.16 11.73 -20.52
N PHE A 42 -13.76 12.10 -21.76
CA PHE A 42 -13.04 11.20 -22.66
C PHE A 42 -11.53 11.37 -22.48
N ALA A 43 -11.15 12.41 -21.68
CA ALA A 43 -9.83 12.59 -21.06
C ALA A 43 -9.52 11.40 -20.11
N LYS A 44 -10.29 10.30 -20.27
CA LYS A 44 -10.18 9.08 -19.48
C LYS A 44 -9.03 8.20 -19.99
N VAL A 45 -8.18 7.77 -19.05
CA VAL A 45 -6.91 7.14 -19.31
C VAL A 45 -6.78 5.88 -18.48
N LYS A 46 -6.70 4.74 -19.17
CA LYS A 46 -6.40 3.44 -18.57
C LYS A 46 -4.93 3.12 -18.81
N LEU A 47 -4.28 2.54 -17.79
CA LEU A 47 -2.97 1.93 -17.95
C LEU A 47 -3.14 0.68 -18.85
N ALA A 48 -2.04 0.30 -19.51
CA ALA A 48 -2.04 -0.81 -20.44
C ALA A 48 -0.72 -1.52 -20.47
N CYS A 49 -0.69 -2.70 -21.09
CA CYS A 49 0.51 -3.50 -21.29
C CYS A 49 0.51 -4.08 -22.70
N HIS A 50 1.57 -3.78 -23.46
CA HIS A 50 1.74 -4.29 -24.83
C HIS A 50 2.00 -5.79 -24.77
N ILE A 51 1.20 -6.56 -25.51
CA ILE A 51 1.23 -8.03 -25.46
C ILE A 51 2.60 -8.57 -25.94
N LEU A 52 3.10 -8.10 -27.10
CA LEU A 52 4.35 -8.60 -27.69
C LEU A 52 5.60 -8.22 -26.90
N THR A 53 5.89 -6.90 -26.82
CA THR A 53 7.13 -6.41 -26.19
C THR A 53 7.17 -6.63 -24.68
N GLY A 54 6.00 -6.58 -24.04
CA GLY A 54 5.88 -6.58 -22.58
C GLY A 54 6.03 -5.20 -21.95
N GLU A 55 6.14 -4.15 -22.78
CA GLU A 55 6.37 -2.77 -22.35
C GLU A 55 5.10 -2.08 -21.89
N MET A 56 5.23 -1.22 -20.87
CA MET A 56 4.11 -0.50 -20.28
C MET A 56 3.69 0.72 -21.13
N VAL A 57 2.38 0.85 -21.40
CA VAL A 57 1.81 1.98 -22.16
C VAL A 57 0.66 2.68 -21.39
N ALA A 58 0.19 3.83 -21.92
CA ALA A 58 -1.00 4.52 -21.42
C ALA A 58 -1.99 4.71 -22.55
N ILE A 59 -3.24 4.28 -22.33
CA ILE A 59 -4.28 4.33 -23.36
C ILE A 59 -5.30 5.39 -23.01
N LYS A 60 -5.47 6.35 -23.91
CA LYS A 60 -6.49 7.40 -23.86
C LYS A 60 -7.69 6.87 -24.65
N ILE A 61 -8.85 6.78 -23.96
CA ILE A 61 -10.09 6.24 -24.51
C ILE A 61 -11.08 7.39 -24.74
N MET A 62 -11.21 7.79 -26.01
CA MET A 62 -12.08 8.86 -26.50
C MET A 62 -13.30 8.22 -27.15
N ASP A 63 -14.53 8.70 -26.84
CA ASP A 63 -15.72 8.28 -27.60
C ASP A 63 -16.23 9.40 -28.45
N LYS A 64 -16.39 9.15 -29.76
CA LYS A 64 -16.82 10.13 -30.75
C LYS A 64 -18.29 10.53 -30.59
N ASN A 65 -19.08 9.61 -29.98
CA ASN A 65 -20.53 9.71 -29.78
C ASN A 65 -20.98 10.80 -28.78
N THR A 66 -20.10 11.17 -27.82
CA THR A 66 -20.34 12.14 -26.73
C THR A 66 -20.74 13.53 -27.28
N ASP A 70 -14.48 17.46 -27.05
CA ASP A 70 -14.25 18.12 -28.33
C ASP A 70 -13.34 17.24 -29.20
N LEU A 71 -13.88 16.71 -30.32
CA LEU A 71 -13.17 15.82 -31.24
C LEU A 71 -12.24 16.53 -32.27
N PRO A 72 -12.41 17.84 -32.67
CA PRO A 72 -11.32 18.52 -33.39
C PRO A 72 -10.02 18.63 -32.60
N ARG A 73 -10.08 18.74 -31.25
CA ARG A 73 -8.89 18.72 -30.38
C ARG A 73 -8.17 17.36 -30.41
N ILE A 74 -8.92 16.27 -30.59
CA ILE A 74 -8.39 14.91 -30.79
C ILE A 74 -7.69 14.80 -32.14
N LYS A 75 -8.31 15.34 -33.21
CA LYS A 75 -7.78 15.28 -34.56
C LYS A 75 -6.51 16.12 -34.74
N THR A 76 -6.51 17.37 -34.20
CA THR A 76 -5.34 18.28 -34.17
C THR A 76 -4.17 17.62 -33.40
N GLU A 77 -4.47 16.94 -32.26
CA GLU A 77 -3.47 16.27 -31.43
C GLU A 77 -2.80 15.17 -32.22
N ILE A 78 -3.58 14.16 -32.68
CA ILE A 78 -3.14 12.99 -33.45
C ILE A 78 -2.25 13.39 -34.63
N GLU A 79 -2.72 14.37 -35.45
CA GLU A 79 -1.98 14.91 -36.60
C GLU A 79 -0.59 15.42 -36.22
N ALA A 80 -0.50 16.22 -35.12
CA ALA A 80 0.75 16.82 -34.62
C ALA A 80 1.70 15.75 -34.09
N LEU A 81 1.17 14.81 -33.27
CA LEU A 81 1.92 13.72 -32.66
C LEU A 81 2.49 12.72 -33.70
N LYS A 82 1.75 12.48 -34.83
CA LYS A 82 2.18 11.65 -35.96
C LYS A 82 3.43 12.20 -36.66
N ASN A 83 3.61 13.54 -36.63
CA ASN A 83 4.70 14.27 -37.31
C ASN A 83 5.81 14.75 -36.34
N LEU A 84 5.49 14.86 -35.04
CA LEU A 84 6.48 15.25 -34.02
C LEU A 84 7.05 14.02 -33.30
N ARG A 85 8.38 13.93 -33.23
CA ARG A 85 9.07 12.81 -32.62
C ARG A 85 10.29 13.33 -31.93
N HIS A 86 10.28 13.28 -30.59
CA HIS A 86 11.30 13.93 -29.77
C HIS A 86 11.43 13.24 -28.41
N GLN A 87 12.64 13.25 -27.83
CA GLN A 87 12.96 12.67 -26.52
C GLN A 87 12.18 13.33 -25.35
N HIS A 88 11.72 14.58 -25.50
CA HIS A 88 10.95 15.29 -24.48
C HIS A 88 9.49 15.56 -24.89
N ILE A 89 8.97 14.80 -25.90
CA ILE A 89 7.55 14.80 -26.30
C ILE A 89 7.00 13.40 -26.07
N CYS A 90 5.89 13.29 -25.32
CA CYS A 90 5.19 12.04 -25.03
C CYS A 90 4.79 11.34 -26.32
N GLN A 91 5.43 10.20 -26.61
CA GLN A 91 5.31 9.47 -27.88
C GLN A 91 3.92 8.84 -28.09
N LEU A 92 3.38 9.02 -29.31
CA LEU A 92 2.21 8.31 -29.83
C LEU A 92 2.70 7.04 -30.54
N TYR A 93 2.20 5.87 -30.13
CA TYR A 93 2.60 4.57 -30.65
C TYR A 93 1.56 4.00 -31.62
N HIS A 94 0.28 4.03 -31.23
CA HIS A 94 -0.80 3.36 -31.93
C HIS A 94 -2.08 4.21 -31.87
N VAL A 95 -2.76 4.38 -33.03
CA VAL A 95 -4.11 4.95 -33.11
C VAL A 95 -5.06 3.82 -33.55
N LEU A 96 -6.12 3.56 -32.75
CA LEU A 96 -7.06 2.46 -32.95
C LEU A 96 -8.53 2.95 -32.89
N GLU A 97 -9.21 2.97 -34.06
CA GLU A 97 -10.48 3.67 -34.27
C GLU A 97 -11.64 2.73 -34.60
N THR A 98 -12.38 2.29 -33.57
CA THR A 98 -13.63 1.56 -33.76
C THR A 98 -14.79 2.54 -34.07
N ALA A 99 -16.03 2.03 -34.21
CA ALA A 99 -17.22 2.81 -34.59
C ALA A 99 -17.59 3.85 -33.52
N ASN A 100 -17.58 3.43 -32.24
CA ASN A 100 -17.95 4.30 -31.13
C ASN A 100 -16.77 5.07 -30.52
N LYS A 101 -15.52 4.54 -30.62
CA LYS A 101 -14.37 5.02 -29.84
C LYS A 101 -13.05 5.19 -30.65
N ILE A 102 -12.26 6.24 -30.28
CA ILE A 102 -10.88 6.50 -30.74
C ILE A 102 -9.92 6.21 -29.58
N PHE A 103 -8.99 5.27 -29.80
CA PHE A 103 -7.95 4.94 -28.84
C PHE A 103 -6.63 5.52 -29.29
N MET A 104 -5.92 6.16 -28.37
CA MET A 104 -4.58 6.68 -28.56
C MET A 104 -3.66 5.96 -27.57
N VAL A 105 -2.62 5.28 -28.08
CA VAL A 105 -1.67 4.53 -27.24
C VAL A 105 -0.42 5.38 -27.13
N LEU A 106 -0.11 5.83 -25.91
CA LEU A 106 0.89 6.85 -25.64
C LEU A 106 1.87 6.32 -24.59
N GLU A 107 3.07 6.94 -24.52
CA GLU A 107 4.17 6.63 -23.60
C GLU A 107 3.75 6.69 -22.12
N TYR A 108 4.33 5.81 -21.27
CA TYR A 108 4.09 5.64 -19.83
C TYR A 108 4.94 6.63 -19.06
N CYS A 109 4.29 7.61 -18.40
CA CYS A 109 4.90 8.68 -17.61
C CYS A 109 4.49 8.48 -16.14
N PRO A 110 5.08 7.52 -15.37
CA PRO A 110 4.59 7.29 -14.00
C PRO A 110 4.91 8.36 -12.97
N GLY A 111 5.77 9.33 -13.33
CA GLY A 111 6.32 10.32 -12.41
C GLY A 111 5.41 11.48 -12.04
N GLY A 112 4.26 11.57 -12.70
CA GLY A 112 3.24 12.58 -12.42
C GLY A 112 3.41 13.90 -13.13
N GLU A 113 2.48 14.85 -12.85
CA GLU A 113 2.48 16.20 -13.40
C GLU A 113 3.61 17.01 -12.80
N LEU A 114 4.16 17.96 -13.57
CA LEU A 114 5.09 18.94 -13.02
C LEU A 114 4.31 19.86 -12.05
N PHE A 115 3.00 20.10 -12.32
CA PHE A 115 2.12 20.84 -11.42
C PHE A 115 2.13 20.25 -10.03
N ASP A 116 1.80 18.93 -9.92
CA ASP A 116 1.76 18.18 -8.65
C ASP A 116 3.13 18.13 -7.94
N TYR A 117 4.21 18.13 -8.75
CA TYR A 117 5.58 18.17 -8.26
C TYR A 117 5.88 19.49 -7.56
N ILE A 118 5.51 20.64 -8.18
CA ILE A 118 5.67 21.99 -7.61
C ILE A 118 4.86 22.16 -6.32
N ILE A 119 3.53 21.91 -6.35
CA ILE A 119 2.62 22.16 -5.22
C ILE A 119 2.92 21.26 -3.98
N SER A 120 3.69 20.16 -4.16
CA SER A 120 4.15 19.30 -3.06
C SER A 120 5.42 19.86 -2.38
N GLN A 121 6.36 20.37 -3.21
CA GLN A 121 7.73 20.75 -2.86
C GLN A 121 7.79 22.08 -2.17
N ASP A 122 6.77 22.95 -2.42
CA ASP A 122 6.71 24.35 -2.03
C ASP A 122 7.84 25.12 -2.76
N ARG A 123 7.71 25.30 -4.09
CA ARG A 123 8.70 25.91 -5.01
C ARG A 123 10.06 25.13 -5.11
N LEU A 124 10.86 25.42 -6.18
CA LEU A 124 12.19 24.84 -6.37
C LEU A 124 13.33 25.87 -6.42
N SER A 125 14.55 25.37 -6.12
CA SER A 125 15.79 26.12 -6.20
C SER A 125 16.13 26.41 -7.67
N GLU A 126 16.89 27.51 -7.91
CA GLU A 126 17.39 27.92 -9.22
C GLU A 126 18.12 26.75 -9.90
N GLU A 127 19.05 26.08 -9.14
CA GLU A 127 19.77 24.89 -9.63
C GLU A 127 18.83 23.80 -10.14
N GLU A 128 17.76 23.51 -9.38
CA GLU A 128 16.75 22.51 -9.72
C GLU A 128 15.82 22.94 -10.86
N THR A 129 15.39 24.22 -10.88
CA THR A 129 14.50 24.73 -11.91
C THR A 129 15.16 24.66 -13.28
N ARG A 130 16.47 24.93 -13.36
CA ARG A 130 17.27 24.87 -14.59
C ARG A 130 17.28 23.47 -15.21
N VAL A 131 17.42 22.43 -14.37
CA VAL A 131 17.47 21.03 -14.79
C VAL A 131 16.17 20.70 -15.54
N VAL A 132 15.04 21.14 -14.96
CA VAL A 132 13.68 21.00 -15.47
C VAL A 132 13.45 21.89 -16.71
N PHE A 133 13.90 23.17 -16.65
CA PHE A 133 13.62 24.19 -17.67
C PHE A 133 14.33 23.94 -18.99
N ARG A 134 15.55 23.36 -18.92
CA ARG A 134 16.35 23.00 -20.10
C ARG A 134 15.68 21.90 -20.91
N GLN A 135 14.86 21.06 -20.25
CA GLN A 135 14.08 20.02 -20.92
C GLN A 135 12.86 20.62 -21.58
N ILE A 136 12.26 21.64 -20.94
CA ILE A 136 11.15 22.41 -21.54
C ILE A 136 11.64 23.11 -22.81
N VAL A 137 12.70 23.96 -22.73
CA VAL A 137 13.30 24.65 -23.89
C VAL A 137 13.55 23.67 -25.06
N SER A 138 14.16 22.50 -24.79
CA SER A 138 14.46 21.47 -25.77
C SER A 138 13.25 21.02 -26.55
N ALA A 139 12.13 20.72 -25.88
CA ALA A 139 10.89 20.21 -26.49
C ALA A 139 10.24 21.25 -27.40
N VAL A 140 10.05 22.48 -26.89
CA VAL A 140 9.37 23.58 -27.56
C VAL A 140 10.20 24.10 -28.76
N ALA A 141 11.53 24.20 -28.62
CA ALA A 141 12.43 24.58 -29.72
C ALA A 141 12.31 23.64 -30.92
N TYR A 142 12.13 22.34 -30.68
CA TYR A 142 11.87 21.34 -31.70
C TYR A 142 10.46 21.51 -32.30
N VAL A 143 9.40 21.65 -31.45
CA VAL A 143 8.01 21.91 -31.85
C VAL A 143 8.00 23.05 -32.91
N HIS A 144 8.69 24.18 -32.61
CA HIS A 144 8.80 25.37 -33.45
C HIS A 144 9.60 25.09 -34.72
N SER A 145 10.68 24.29 -34.61
CA SER A 145 11.50 23.89 -35.75
C SER A 145 10.71 23.04 -36.77
N GLN A 146 9.64 22.38 -36.30
CA GLN A 146 8.75 21.52 -37.08
C GLN A 146 7.52 22.24 -37.65
N GLY A 147 7.41 23.54 -37.38
CA GLY A 147 6.34 24.39 -37.92
C GLY A 147 5.16 24.61 -37.00
N TYR A 148 5.12 23.90 -35.84
CA TYR A 148 4.05 24.01 -34.85
C TYR A 148 4.34 25.03 -33.71
N ALA A 149 3.28 25.40 -32.98
CA ALA A 149 3.33 26.15 -31.72
C ALA A 149 2.27 25.54 -30.79
N HIS A 150 2.67 25.07 -29.59
CA HIS A 150 1.83 24.29 -28.64
C HIS A 150 0.53 25.04 -28.15
N ARG A 151 0.66 26.32 -27.72
CA ARG A 151 -0.44 27.26 -27.36
C ARG A 151 -1.17 26.95 -26.03
N ASP A 152 -0.70 25.95 -25.24
CA ASP A 152 -1.30 25.56 -23.95
C ASP A 152 -0.24 25.01 -23.00
N LEU A 153 0.95 25.67 -22.96
CA LEU A 153 2.06 25.26 -22.09
C LEU A 153 1.74 25.67 -20.66
N LYS A 154 1.68 24.70 -19.75
CA LYS A 154 1.42 24.88 -18.33
C LYS A 154 1.90 23.63 -17.53
N PRO A 155 2.23 23.72 -16.22
CA PRO A 155 2.84 22.56 -15.53
C PRO A 155 1.98 21.30 -15.45
N GLU A 156 0.67 21.39 -15.78
CA GLU A 156 -0.22 20.21 -15.91
C GLU A 156 0.05 19.44 -17.22
N ASN A 157 0.54 20.15 -18.27
CA ASN A 157 0.85 19.57 -19.56
C ASN A 157 2.33 19.11 -19.71
N LEU A 158 3.07 18.97 -18.59
CA LEU A 158 4.42 18.39 -18.64
C LEU A 158 4.50 17.32 -17.59
N LEU A 159 4.76 16.04 -18.02
CA LEU A 159 4.74 14.87 -17.14
C LEU A 159 6.10 14.25 -17.01
N PHE A 160 6.37 13.53 -15.91
CA PHE A 160 7.67 12.89 -15.69
C PHE A 160 7.62 11.44 -16.06
N ASP A 161 8.66 10.97 -16.79
CA ASP A 161 8.85 9.53 -16.99
C ASP A 161 9.62 8.93 -15.79
N GLU A 162 9.77 7.58 -15.76
CA GLU A 162 10.38 6.80 -14.66
C GLU A 162 11.87 7.10 -14.39
N TYR A 163 12.53 7.85 -15.29
CA TYR A 163 13.92 8.27 -15.19
C TYR A 163 13.99 9.76 -14.75
N HIS A 164 12.85 10.32 -14.26
CA HIS A 164 12.64 11.71 -13.81
C HIS A 164 12.86 12.78 -14.95
N LYS A 165 12.70 12.38 -16.23
CA LYS A 165 12.80 13.28 -17.39
C LYS A 165 11.41 13.68 -17.94
N LEU A 166 11.23 14.97 -18.30
CA LEU A 166 9.92 15.54 -18.67
C LEU A 166 9.44 15.16 -20.09
N LYS A 167 8.12 15.08 -20.29
CA LYS A 167 7.49 14.76 -21.56
C LYS A 167 6.24 15.63 -21.72
N LEU A 168 6.23 16.46 -22.76
CA LEU A 168 5.16 17.39 -23.12
C LEU A 168 3.90 16.64 -23.63
N ILE A 169 2.69 17.14 -23.27
CA ILE A 169 1.42 16.51 -23.65
C ILE A 169 0.42 17.53 -24.18
N ASP A 170 -0.81 17.08 -24.56
CA ASP A 170 -1.98 17.91 -24.90
C ASP A 170 -1.70 18.93 -26.04
N PHE A 171 -1.65 18.41 -27.29
CA PHE A 171 -1.45 19.18 -28.52
C PHE A 171 -2.78 19.53 -29.15
N GLY A 172 -3.83 19.58 -28.31
CA GLY A 172 -5.17 20.05 -28.63
C GLY A 172 -5.22 21.33 -29.46
N LEU A 173 -4.37 22.31 -29.14
CA LEU A 173 -4.15 23.55 -29.93
C LEU A 173 -2.74 23.49 -30.56
N CYS A 174 -2.55 23.95 -31.83
CA CYS A 174 -1.31 23.78 -32.63
C CYS A 174 -1.23 24.80 -33.80
N ALA A 175 -0.02 24.98 -34.41
CA ALA A 175 0.20 25.54 -35.76
C ALA A 175 0.47 24.39 -36.79
N CYS A 188 -5.09 30.55 -30.65
CA CYS A 188 -5.73 29.42 -29.99
C CYS A 188 -5.48 29.45 -28.48
N CYS A 189 -6.47 29.99 -27.72
CA CYS A 189 -6.37 30.27 -26.28
C CYS A 189 -6.50 29.00 -25.37
N GLY A 190 -5.49 28.81 -24.52
CA GLY A 190 -5.32 27.67 -23.63
C GLY A 190 -5.89 27.94 -22.25
N ALA A 191 -5.00 28.34 -21.31
CA ALA A 191 -5.34 28.82 -19.96
C ALA A 191 -4.93 30.27 -19.89
N LEU A 192 -5.72 31.13 -19.23
CA LEU A 192 -5.48 32.58 -19.20
C LEU A 192 -4.20 32.98 -18.45
N ALA A 193 -3.94 32.44 -17.24
CA ALA A 193 -2.75 32.73 -16.42
C ALA A 193 -1.43 32.58 -17.17
N TYR A 194 -1.41 31.70 -18.21
CA TYR A 194 -0.27 31.37 -19.05
C TYR A 194 -0.32 32.05 -20.46
N ALA A 195 -1.44 32.72 -20.81
CA ALA A 195 -1.67 33.34 -22.13
C ALA A 195 -0.94 34.68 -22.32
N ALA A 196 -0.18 34.79 -23.42
CA ALA A 196 0.58 35.98 -23.81
C ALA A 196 -0.35 37.16 -24.09
N PRO A 197 0.07 38.42 -23.85
CA PRO A 197 -0.87 39.55 -23.99
C PRO A 197 -1.47 39.69 -25.39
N GLU A 198 -0.62 39.60 -26.45
CA GLU A 198 -1.03 39.68 -27.86
C GLU A 198 -2.04 38.61 -28.25
N LEU A 199 -2.02 37.45 -27.57
CA LEU A 199 -2.93 36.33 -27.84
C LEU A 199 -4.34 36.64 -27.33
N ILE A 200 -4.44 37.15 -26.10
CA ILE A 200 -5.68 37.60 -25.46
C ILE A 200 -6.40 38.72 -26.28
N GLN A 201 -5.59 39.64 -26.90
CA GLN A 201 -6.02 40.75 -27.77
C GLN A 201 -6.54 40.29 -29.14
N GLY A 202 -6.15 39.08 -29.55
CA GLY A 202 -6.43 38.52 -30.87
C GLY A 202 -5.44 38.97 -31.92
N LYS A 203 -4.16 39.11 -31.52
CA LYS A 203 -3.05 39.58 -32.36
C LYS A 203 -1.86 38.59 -32.28
N SER A 204 -2.13 37.28 -32.57
CA SER A 204 -1.14 36.23 -32.73
C SER A 204 -0.33 36.46 -34.01
N GLY A 207 3.50 33.76 -33.61
CA GLY A 207 2.75 32.56 -33.23
C GLY A 207 3.46 31.71 -32.19
N SER A 208 4.79 31.69 -32.27
CA SER A 208 5.71 30.97 -31.40
C SER A 208 6.24 31.85 -30.25
N GLU A 209 5.96 33.18 -30.28
CA GLU A 209 6.34 34.15 -29.23
C GLU A 209 5.47 33.97 -28.00
N ALA A 210 4.19 33.60 -28.22
CA ALA A 210 3.23 33.26 -27.18
C ALA A 210 3.69 32.06 -26.33
N ASP A 211 4.44 31.11 -26.93
CA ASP A 211 5.04 29.99 -26.21
C ASP A 211 6.22 30.43 -25.33
N VAL A 212 7.02 31.39 -25.83
CA VAL A 212 8.17 31.96 -25.10
C VAL A 212 7.69 32.69 -23.83
N TRP A 213 6.57 33.43 -23.91
CA TRP A 213 5.93 34.07 -22.75
C TRP A 213 5.45 33.01 -21.75
N SER A 214 4.72 31.97 -22.26
CA SER A 214 4.21 30.82 -21.51
C SER A 214 5.31 30.13 -20.65
N MET A 215 6.51 30.03 -21.22
CA MET A 215 7.69 29.45 -20.59
C MET A 215 8.24 30.41 -19.52
N GLY A 216 8.01 31.72 -19.70
CA GLY A 216 8.40 32.77 -18.76
C GLY A 216 7.51 32.78 -17.53
N ILE A 217 6.22 32.37 -17.69
CA ILE A 217 5.23 32.20 -16.59
C ILE A 217 5.57 30.94 -15.81
N LEU A 218 5.93 29.87 -16.54
CA LEU A 218 6.40 28.60 -16.02
C LEU A 218 7.69 28.75 -15.18
N LEU A 219 8.69 29.47 -15.72
CA LEU A 219 9.96 29.73 -15.03
C LEU A 219 9.75 30.41 -13.68
N TYR A 220 8.81 31.37 -13.62
CA TYR A 220 8.48 32.11 -12.40
C TYR A 220 7.84 31.17 -11.37
N VAL A 221 6.81 30.38 -11.75
CA VAL A 221 6.09 29.49 -10.84
C VAL A 221 7.01 28.42 -10.22
N LEU A 222 7.95 27.88 -11.02
CA LEU A 222 8.94 26.93 -10.54
C LEU A 222 9.73 27.55 -9.36
N MET A 223 10.20 28.80 -9.53
CA MET A 223 11.10 29.44 -8.57
C MET A 223 10.37 30.12 -7.39
N CYS A 224 9.06 30.44 -7.52
CA CYS A 224 8.28 31.16 -6.50
C CYS A 224 7.18 30.33 -5.81
N GLY A 225 6.62 29.38 -6.55
CA GLY A 225 5.52 28.55 -6.08
C GLY A 225 4.17 29.26 -6.12
N PHE A 226 4.06 30.30 -6.97
CA PHE A 226 2.83 31.07 -7.25
C PHE A 226 2.90 31.77 -8.61
N LEU A 227 1.74 32.12 -9.18
CA LEU A 227 1.68 32.77 -10.49
C LEU A 227 2.15 34.22 -10.45
N PRO A 228 2.85 34.73 -11.49
CA PRO A 228 3.24 36.16 -11.49
C PRO A 228 2.04 37.10 -11.68
N PHE A 229 0.98 36.59 -12.35
CA PHE A 229 -0.29 37.27 -12.62
C PHE A 229 -1.47 36.39 -12.13
N ASP A 230 -2.14 36.78 -11.03
CA ASP A 230 -3.25 36.03 -10.42
C ASP A 230 -4.32 36.97 -9.90
N ASP A 231 -5.61 36.57 -10.04
CA ASP A 231 -6.81 37.27 -9.51
C ASP A 231 -8.04 36.32 -9.40
N ASP A 232 -9.20 36.89 -9.01
CA ASP A 232 -10.47 36.17 -8.85
C ASP A 232 -11.23 36.08 -10.18
N THR A 233 -11.56 37.24 -10.79
CA THR A 233 -12.26 37.31 -12.09
C THR A 233 -11.29 37.29 -13.29
N ALA A 234 -11.80 36.95 -14.50
CA ALA A 234 -11.02 36.90 -15.74
C ALA A 234 -10.66 38.30 -16.26
N ALA A 235 -11.60 39.28 -16.15
CA ALA A 235 -11.40 40.66 -16.61
C ALA A 235 -10.32 41.37 -15.79
N ALA A 236 -10.20 40.99 -14.49
CA ALA A 236 -9.15 41.39 -13.57
C ALA A 236 -7.77 40.74 -13.95
N LEU A 237 -7.79 39.47 -14.41
CA LEU A 237 -6.59 38.74 -14.82
C LEU A 237 -6.06 39.18 -16.17
N VAL A 238 -6.94 39.58 -17.13
CA VAL A 238 -6.53 40.16 -18.41
C VAL A 238 -5.92 41.56 -18.16
N ALA A 239 -6.53 42.34 -17.27
CA ALA A 239 -5.99 43.65 -16.87
C ALA A 239 -4.53 43.57 -16.34
N LYS A 240 -4.21 42.56 -15.50
CA LYS A 240 -2.87 42.40 -14.90
C LYS A 240 -1.79 41.95 -15.92
N ILE A 241 -2.18 41.13 -16.93
CA ILE A 241 -1.31 40.64 -18.02
C ILE A 241 -0.86 41.80 -18.96
N MET A 242 -1.81 42.69 -19.37
CA MET A 242 -1.58 43.73 -20.38
C MET A 242 -0.56 44.75 -19.92
N ARG A 243 -0.68 45.11 -18.62
CA ARG A 243 0.10 46.09 -17.85
C ARG A 243 1.47 45.49 -17.56
N GLY A 244 1.48 44.17 -17.31
CA GLY A 244 2.69 43.36 -17.33
C GLY A 244 3.56 43.45 -16.11
N LYS A 245 3.12 44.20 -15.09
CA LYS A 245 3.86 44.36 -13.85
C LYS A 245 3.58 43.18 -12.94
N TYR A 246 4.65 42.58 -12.45
CA TYR A 246 4.62 41.40 -11.57
C TYR A 246 5.57 41.62 -10.39
N ASP A 247 5.39 40.84 -9.32
CA ASP A 247 6.25 40.94 -8.14
C ASP A 247 7.52 40.14 -8.33
N VAL A 248 8.63 40.68 -7.78
CA VAL A 248 9.94 40.03 -7.81
C VAL A 248 10.22 39.57 -6.37
N PRO A 249 9.99 38.27 -6.02
CA PRO A 249 10.33 37.81 -4.67
C PRO A 249 11.80 37.97 -4.32
N LYS A 250 12.07 38.17 -3.02
CA LYS A 250 13.40 38.49 -2.48
C LYS A 250 14.45 37.43 -2.80
N TRP A 251 14.06 36.14 -2.72
CA TRP A 251 14.92 34.98 -2.92
C TRP A 251 15.42 34.76 -4.38
N LEU A 252 14.90 35.52 -5.34
CA LEU A 252 15.27 35.44 -6.76
C LEU A 252 16.65 36.08 -7.02
N SER A 253 17.51 35.38 -7.79
CA SER A 253 18.84 35.87 -8.21
C SER A 253 18.74 36.92 -9.32
N PRO A 254 19.68 37.89 -9.43
CA PRO A 254 19.66 38.81 -10.58
C PRO A 254 19.78 38.13 -11.95
N SER A 255 20.41 36.94 -12.04
CA SER A 255 20.45 36.12 -13.27
C SER A 255 19.03 35.72 -13.70
N SER A 256 18.22 35.19 -12.74
CA SER A 256 16.81 34.84 -12.90
C SER A 256 15.97 36.07 -13.21
N ILE A 257 16.16 37.16 -12.43
CA ILE A 257 15.43 38.42 -12.57
C ILE A 257 15.57 38.93 -14.02
N LEU A 258 16.80 38.95 -14.57
CA LEU A 258 17.10 39.38 -15.94
C LEU A 258 16.39 38.52 -17.00
N LEU A 259 16.53 37.18 -16.92
CA LEU A 259 15.87 36.25 -17.84
C LEU A 259 14.33 36.36 -17.82
N LEU A 260 13.76 36.52 -16.61
CA LEU A 260 12.33 36.74 -16.43
C LEU A 260 11.85 38.00 -17.12
N GLN A 261 12.62 39.09 -17.05
CA GLN A 261 12.16 40.29 -17.74
C GLN A 261 12.36 40.21 -19.28
N GLN A 262 13.34 39.42 -19.76
CA GLN A 262 13.54 39.15 -21.18
C GLN A 262 12.40 38.30 -21.78
N MET A 263 11.91 37.31 -21.01
CA MET A 263 10.84 36.38 -21.40
C MET A 263 9.47 36.99 -21.17
N LEU A 264 9.28 37.77 -20.09
CA LEU A 264 7.99 38.41 -19.80
C LEU A 264 7.95 39.90 -20.26
N GLN A 265 8.09 40.08 -21.58
CA GLN A 265 7.93 41.34 -22.29
C GLN A 265 6.51 41.37 -22.85
N VAL A 266 5.82 42.51 -22.70
CA VAL A 266 4.45 42.69 -23.19
C VAL A 266 4.47 42.79 -24.73
N ASP A 267 5.49 43.46 -25.30
CA ASP A 267 5.74 43.48 -26.74
C ASP A 267 6.39 42.15 -27.19
N PRO A 268 5.77 41.41 -28.15
CA PRO A 268 6.36 40.12 -28.58
C PRO A 268 7.60 40.27 -29.48
N LYS A 269 7.76 41.45 -30.12
CA LYS A 269 8.96 41.83 -30.86
C LYS A 269 10.14 42.00 -29.89
N LYS A 270 9.88 42.55 -28.68
CA LYS A 270 10.85 42.74 -27.58
C LYS A 270 11.23 41.45 -26.89
N ARG A 271 10.34 40.43 -26.93
CA ARG A 271 10.51 39.09 -26.33
C ARG A 271 11.69 38.33 -26.94
N ILE A 272 12.50 37.70 -26.08
CA ILE A 272 13.74 36.99 -26.44
C ILE A 272 13.46 35.81 -27.38
N SER A 273 14.23 35.71 -28.49
CA SER A 273 14.18 34.65 -29.50
C SER A 273 14.73 33.32 -29.00
N MET A 274 14.12 32.20 -29.46
CA MET A 274 14.56 30.84 -29.11
C MET A 274 16.05 30.63 -29.38
N LYS A 275 16.57 31.15 -30.51
CA LYS A 275 17.99 31.12 -30.88
C LYS A 275 18.88 31.68 -29.77
N ASN A 276 18.41 32.75 -29.08
CA ASN A 276 19.08 33.41 -27.96
C ASN A 276 18.76 32.76 -26.61
N LEU A 277 17.61 32.05 -26.54
CA LEU A 277 17.19 31.34 -25.33
C LEU A 277 18.10 30.14 -25.11
N LEU A 278 18.32 29.35 -26.18
CA LEU A 278 19.13 28.14 -26.16
C LEU A 278 20.50 28.32 -25.50
N ASN A 279 21.21 29.41 -25.85
CA ASN A 279 22.57 29.70 -25.35
C ASN A 279 22.62 30.90 -24.37
N HIS A 280 21.48 31.20 -23.69
CA HIS A 280 21.38 32.25 -22.65
C HIS A 280 22.34 31.90 -21.49
N PRO A 281 22.99 32.89 -20.84
CA PRO A 281 23.94 32.56 -19.74
C PRO A 281 23.35 31.94 -18.47
N TRP A 282 22.06 32.19 -18.18
CA TRP A 282 21.33 31.49 -17.10
C TRP A 282 21.13 30.02 -17.48
N ILE A 283 20.76 29.75 -18.76
CA ILE A 283 20.53 28.41 -19.29
C ILE A 283 21.81 27.57 -19.17
N MET A 284 22.94 28.25 -19.40
CA MET A 284 24.28 27.73 -19.36
C MET A 284 24.84 27.56 -17.94
N GLN A 285 24.42 28.38 -16.96
CA GLN A 285 25.13 28.57 -15.67
C GLN A 285 25.92 27.32 -15.11
N ASP A 286 25.28 26.14 -14.96
CA ASP A 286 25.97 24.97 -14.37
C ASP A 286 26.23 23.82 -15.38
N TYR A 287 26.08 24.14 -16.67
CA TYR A 287 26.21 23.30 -17.87
C TYR A 287 27.09 24.17 -18.80
N ASN A 288 28.21 23.73 -19.35
CA ASN A 288 28.91 24.78 -20.08
C ASN A 288 28.49 24.88 -21.58
N TYR A 289 27.39 24.21 -21.96
CA TYR A 289 26.98 23.99 -23.34
C TYR A 289 25.49 24.35 -23.56
N PRO A 290 25.05 24.84 -24.75
CA PRO A 290 23.62 25.20 -24.91
C PRO A 290 22.69 24.00 -24.95
N VAL A 291 21.37 24.24 -24.83
CA VAL A 291 20.34 23.20 -24.84
C VAL A 291 20.38 22.37 -26.13
N GLU A 292 20.59 21.04 -26.00
CA GLU A 292 20.51 20.12 -27.14
C GLU A 292 19.03 19.90 -27.49
N TRP A 293 18.55 20.64 -28.50
CA TRP A 293 17.14 20.65 -28.87
C TRP A 293 16.78 19.63 -29.96
N GLN A 294 17.74 19.27 -30.85
CA GLN A 294 17.49 18.37 -31.98
C GLN A 294 17.11 16.96 -31.54
N SER A 295 16.16 16.35 -32.27
CA SER A 295 15.57 15.05 -31.95
C SER A 295 16.54 13.91 -32.13
N LYS A 296 16.67 13.10 -31.09
CA LYS A 296 17.44 11.84 -31.07
C LYS A 296 16.56 10.63 -31.52
N ASN A 297 15.24 10.87 -31.74
CA ASN A 297 14.22 9.88 -32.11
C ASN A 297 13.83 10.05 -33.62
N PRO A 298 14.43 9.26 -34.56
CA PRO A 298 14.23 9.55 -36.00
C PRO A 298 13.06 8.86 -36.69
N PHE A 299 12.59 9.50 -37.77
CA PHE A 299 11.55 8.99 -38.68
C PHE A 299 12.14 8.14 -39.82
N ILE A 300 13.24 8.63 -40.46
CA ILE A 300 13.87 7.93 -41.59
C ILE A 300 14.65 6.69 -41.18
N HIS A 301 15.46 6.80 -40.10
CA HIS A 301 16.40 5.76 -39.68
C HIS A 301 15.71 4.60 -38.94
N LEU A 302 15.92 3.36 -39.45
CA LEU A 302 15.38 2.14 -38.85
C LEU A 302 16.49 1.37 -38.12
N ASP A 303 16.20 0.94 -36.86
CA ASP A 303 17.15 0.17 -36.03
C ASP A 303 17.28 -1.23 -36.56
N ASP A 304 18.54 -1.71 -36.74
CA ASP A 304 18.79 -3.01 -37.37
C ASP A 304 18.37 -4.19 -36.50
N ASP A 305 18.64 -4.13 -35.18
CA ASP A 305 18.19 -5.09 -34.17
C ASP A 305 16.65 -5.26 -34.17
N CYS A 306 15.91 -4.13 -34.39
CA CYS A 306 14.44 -4.08 -34.34
C CYS A 306 13.79 -4.55 -35.65
N VAL A 307 14.33 -4.13 -36.82
CA VAL A 307 13.83 -4.53 -38.15
C VAL A 307 13.98 -6.07 -38.33
N THR A 308 15.09 -6.65 -37.81
CA THR A 308 15.37 -8.09 -37.92
C THR A 308 14.48 -8.93 -36.98
N GLU A 309 14.23 -8.45 -35.74
CA GLU A 309 13.40 -9.15 -34.75
C GLU A 309 11.91 -9.13 -35.14
N LEU A 310 11.46 -8.09 -35.87
CA LEU A 310 10.11 -8.03 -36.42
C LEU A 310 9.91 -9.02 -37.58
N SER A 311 10.98 -9.33 -38.35
CA SER A 311 10.98 -10.28 -39.47
C SER A 311 10.69 -11.70 -39.00
N VAL A 312 11.42 -12.17 -37.97
CA VAL A 312 11.42 -13.55 -37.44
C VAL A 312 10.08 -13.91 -36.71
N HIS A 313 9.09 -12.98 -36.76
CA HIS A 313 7.79 -13.04 -36.10
C HIS A 313 6.68 -12.75 -37.12
N HIS A 314 6.91 -11.80 -38.05
CA HIS A 314 5.97 -11.51 -39.14
C HIS A 314 6.22 -12.40 -40.39
N ARG A 315 7.25 -13.29 -40.33
CA ARG A 315 7.58 -14.36 -41.31
C ARG A 315 8.15 -13.84 -42.64
N ASN A 316 8.80 -12.66 -42.61
CA ASN A 316 9.33 -12.05 -43.82
C ASN A 316 10.85 -11.81 -43.76
N ASN A 317 11.35 -10.84 -44.55
CA ASN A 317 12.74 -10.41 -44.67
C ASN A 317 12.87 -8.87 -44.55
N ARG A 318 14.11 -8.35 -44.36
CA ARG A 318 14.44 -6.91 -44.50
C ARG A 318 14.13 -6.43 -45.96
N GLN A 319 14.25 -5.10 -46.25
CA GLN A 319 13.85 -4.46 -47.52
C GLN A 319 12.32 -4.45 -47.71
N THR A 320 11.65 -5.60 -47.44
CA THR A 320 10.19 -5.78 -47.43
C THR A 320 9.58 -5.28 -46.09
N MET A 321 10.35 -5.39 -44.98
CA MET A 321 10.01 -4.98 -43.61
C MET A 321 10.47 -3.55 -43.35
N GLU A 322 11.72 -3.25 -43.76
CA GLU A 322 12.36 -1.93 -43.69
C GLU A 322 11.52 -0.82 -44.34
N ASP A 323 10.77 -1.18 -45.41
CA ASP A 323 9.81 -0.30 -46.08
C ASP A 323 8.40 -0.35 -45.43
N LEU A 324 8.03 -1.50 -44.82
CA LEU A 324 6.75 -1.68 -44.12
C LEU A 324 6.68 -0.88 -42.81
N ILE A 325 7.80 -0.79 -42.08
CA ILE A 325 7.94 0.05 -40.88
C ILE A 325 7.90 1.54 -41.28
N SER A 326 8.59 1.90 -42.39
CA SER A 326 8.67 3.27 -42.91
C SER A 326 7.34 3.83 -43.46
N LEU A 327 6.28 2.98 -43.53
CA LEU A 327 4.90 3.39 -43.83
C LEU A 327 4.35 4.39 -42.78
N TRP A 328 4.76 4.21 -41.49
CA TRP A 328 4.34 5.00 -40.31
C TRP A 328 2.83 5.27 -40.28
N GLN A 329 2.05 4.18 -40.34
CA GLN A 329 0.58 4.21 -40.36
C GLN A 329 -0.02 4.39 -38.95
N TYR A 330 0.82 4.23 -37.89
CA TYR A 330 0.44 4.26 -36.47
C TYR A 330 -0.62 3.20 -36.19
N ASP A 331 -0.34 1.97 -36.68
CA ASP A 331 -1.07 0.74 -36.46
C ASP A 331 -0.26 -0.13 -35.48
N HIS A 332 -0.46 -1.46 -35.47
CA HIS A 332 0.20 -2.33 -34.49
C HIS A 332 1.70 -2.47 -34.71
N LEU A 333 2.14 -2.42 -35.99
CA LEU A 333 3.54 -2.53 -36.42
C LEU A 333 4.39 -1.33 -35.90
N THR A 334 3.83 -0.09 -36.00
CA THR A 334 4.37 1.19 -35.48
C THR A 334 4.55 1.17 -33.95
N ALA A 335 3.53 0.64 -33.22
CA ALA A 335 3.59 0.44 -31.77
C ALA A 335 4.66 -0.59 -31.39
N THR A 336 4.70 -1.75 -32.08
CA THR A 336 5.65 -2.84 -31.83
C THR A 336 7.09 -2.39 -32.09
N TYR A 337 7.37 -1.70 -33.23
CA TYR A 337 8.70 -1.16 -33.53
C TYR A 337 9.18 -0.19 -32.46
N LEU A 338 8.41 0.87 -32.19
CA LEU A 338 8.79 1.92 -31.22
C LEU A 338 9.00 1.41 -29.80
N LEU A 339 8.17 0.45 -29.36
CA LEU A 339 8.28 -0.14 -28.03
C LEU A 339 9.45 -1.10 -27.94
N LEU A 340 9.85 -1.73 -29.07
CA LEU A 340 11.06 -2.56 -29.16
C LEU A 340 12.27 -1.67 -29.05
N LEU A 341 12.25 -0.52 -29.76
CA LEU A 341 13.28 0.50 -29.71
C LEU A 341 13.38 1.13 -28.29
N ALA A 342 12.25 1.19 -27.55
CA ALA A 342 12.25 1.55 -26.12
C ALA A 342 12.89 0.44 -25.24
N LYS A 343 12.47 -0.83 -25.46
CA LYS A 343 12.95 -2.03 -24.78
C LYS A 343 14.50 -2.15 -24.85
N LYS A 344 15.10 -1.99 -26.08
CA LYS A 344 16.56 -1.99 -26.32
C LYS A 344 17.28 -0.89 -25.52
N ALA A 345 16.69 0.33 -25.48
CA ALA A 345 17.23 1.49 -24.77
C ALA A 345 17.31 1.29 -23.24
N ARG A 346 16.42 0.48 -22.63
CA ARG A 346 16.42 0.18 -21.18
C ARG A 346 17.46 -0.86 -20.76
N GLY A 347 18.14 -1.47 -21.74
CA GLY A 347 19.16 -2.48 -21.52
C GLY A 347 18.72 -3.93 -21.69
N LYS A 348 17.39 -4.17 -21.67
CA LYS A 348 16.81 -5.52 -21.78
C LYS A 348 17.09 -6.13 -23.15
N PRO A 349 17.14 -7.48 -23.26
CA PRO A 349 17.20 -8.08 -24.60
C PRO A 349 15.97 -7.82 -25.49
N VAL A 350 16.26 -7.49 -26.76
CA VAL A 350 15.35 -7.31 -27.90
C VAL A 350 14.59 -8.62 -28.24
N ARG A 351 13.30 -8.71 -27.84
CA ARG A 351 12.42 -9.85 -28.19
C ARG A 351 10.94 -9.46 -28.12
N LEU A 352 10.15 -10.02 -29.06
CA LEU A 352 8.69 -10.11 -28.96
C LEU A 352 8.37 -11.48 -28.36
N ARG A 353 7.17 -11.65 -27.78
CA ARG A 353 6.72 -12.99 -27.38
C ARG A 353 6.39 -13.83 -28.62
N HIS B 20 1.56 -26.19 3.16
CA HIS B 20 0.74 -27.31 2.72
C HIS B 20 -0.70 -26.88 2.38
N MET B 21 -1.12 -25.67 2.82
CA MET B 21 -2.32 -25.01 2.31
C MET B 21 -1.97 -23.99 1.20
N LYS B 22 -2.99 -23.28 0.65
CA LYS B 22 -2.94 -22.59 -0.66
C LYS B 22 -1.80 -21.58 -0.81
N ASP B 23 -1.53 -20.77 0.23
CA ASP B 23 -0.48 -19.74 0.20
C ASP B 23 0.91 -20.34 0.12
N TYR B 24 1.18 -21.44 0.85
CA TYR B 24 2.50 -22.06 0.93
C TYR B 24 2.76 -23.09 -0.19
N ASP B 25 1.73 -23.39 -1.02
CA ASP B 25 1.79 -24.45 -2.03
C ASP B 25 2.76 -24.16 -3.19
N GLU B 26 2.88 -22.91 -3.64
CA GLU B 26 3.86 -22.54 -4.66
C GLU B 26 5.26 -22.42 -4.05
N LEU B 27 5.36 -21.99 -2.79
CA LEU B 27 6.61 -21.92 -2.04
C LEU B 27 7.21 -23.33 -1.83
N LEU B 28 6.38 -24.29 -1.34
CA LEU B 28 6.79 -25.67 -1.04
C LEU B 28 7.15 -26.53 -2.29
N LYS B 29 6.88 -26.01 -3.52
CA LYS B 29 7.40 -26.55 -4.79
C LYS B 29 8.93 -26.32 -4.89
N TYR B 30 9.44 -25.23 -4.25
CA TYR B 30 10.83 -24.78 -4.40
C TYR B 30 11.65 -24.77 -3.10
N TYR B 31 11.01 -24.55 -1.93
CA TYR B 31 11.72 -24.44 -0.64
C TYR B 31 11.21 -25.46 0.39
N GLU B 32 12.15 -26.07 1.13
CA GLU B 32 11.87 -26.97 2.24
C GLU B 32 12.04 -26.13 3.51
N LEU B 33 10.92 -25.66 4.10
CA LEU B 33 10.91 -24.73 5.23
C LEU B 33 11.47 -25.34 6.52
N HIS B 34 12.02 -24.48 7.41
CA HIS B 34 12.60 -24.88 8.69
C HIS B 34 12.17 -23.92 9.84
N GLU B 35 13.07 -23.69 10.82
CA GLU B 35 12.90 -22.86 12.03
C GLU B 35 12.49 -21.40 11.77
N THR B 36 11.49 -20.90 12.52
CA THR B 36 11.11 -19.48 12.51
C THR B 36 12.07 -18.70 13.41
N ILE B 37 12.45 -17.47 13.01
CA ILE B 37 13.44 -16.67 13.75
C ILE B 37 12.77 -15.35 14.34
N GLY B 38 11.65 -14.89 13.77
CA GLY B 38 11.01 -13.65 14.20
C GLY B 38 9.52 -13.62 14.54
N THR B 39 8.71 -13.01 13.60
CA THR B 39 7.26 -12.67 13.60
C THR B 39 7.07 -11.21 14.08
N GLY B 40 6.66 -11.02 15.34
CA GLY B 40 6.42 -9.73 15.97
C GLY B 40 5.64 -8.68 15.19
N GLY B 41 4.81 -9.13 14.24
CA GLY B 41 3.98 -8.24 13.43
C GLY B 41 2.95 -7.46 14.21
N ALA B 43 6.16 -8.57 9.50
CA ALA B 43 6.73 -9.64 8.68
C ALA B 43 7.39 -10.74 9.51
N LYS B 44 7.13 -12.00 9.14
CA LYS B 44 7.59 -13.21 9.83
C LYS B 44 8.75 -13.81 9.06
N VAL B 45 9.86 -14.11 9.73
CA VAL B 45 11.00 -14.67 8.99
C VAL B 45 11.20 -16.13 9.34
N LYS B 46 10.96 -17.01 8.36
CA LYS B 46 11.24 -18.45 8.48
C LYS B 46 12.52 -18.79 7.75
N LEU B 47 13.36 -19.67 8.33
CA LEU B 47 14.54 -20.23 7.68
C LEU B 47 14.08 -21.36 6.73
N ALA B 48 14.74 -21.52 5.57
CA ALA B 48 14.31 -22.48 4.57
C ALA B 48 15.48 -22.97 3.77
N CYS B 49 15.36 -24.16 3.20
CA CYS B 49 16.35 -24.72 2.27
C CYS B 49 15.84 -24.78 0.83
N HIS B 50 16.66 -24.25 -0.11
CA HIS B 50 16.41 -24.32 -1.56
C HIS B 50 16.52 -25.77 -1.97
N ILE B 51 15.47 -26.29 -2.66
CA ILE B 51 15.35 -27.70 -2.98
C ILE B 51 16.50 -28.14 -3.93
N LEU B 52 16.74 -27.36 -5.02
CA LEU B 52 17.74 -27.72 -6.04
C LEU B 52 19.18 -27.62 -5.54
N THR B 53 19.64 -26.41 -5.21
CA THR B 53 21.04 -26.16 -4.85
C THR B 53 21.43 -26.78 -3.51
N GLY B 54 20.47 -26.90 -2.59
CA GLY B 54 20.73 -27.30 -1.22
C GLY B 54 21.17 -26.18 -0.30
N GLU B 55 21.18 -24.93 -0.81
CA GLU B 55 21.64 -23.73 -0.11
C GLU B 55 20.61 -23.17 0.86
N MET B 56 21.09 -22.67 2.00
CA MET B 56 20.24 -22.08 3.02
C MET B 56 19.75 -20.67 2.65
N VAL B 57 18.45 -20.42 2.75
CA VAL B 57 17.86 -19.10 2.43
C VAL B 57 17.12 -18.59 3.67
N ALA B 58 16.61 -17.36 3.62
CA ALA B 58 15.69 -16.83 4.62
C ALA B 58 14.45 -16.26 3.94
N ILE B 59 13.26 -16.69 4.37
CA ILE B 59 12.00 -16.23 3.77
C ILE B 59 11.29 -15.24 4.69
N LYS B 60 11.03 -14.05 4.15
CA LYS B 60 10.20 -13.04 4.78
C LYS B 60 8.78 -13.27 4.30
N ILE B 61 7.85 -13.56 5.22
CA ILE B 61 6.44 -13.87 4.95
C ILE B 61 5.53 -12.73 5.51
N MET B 62 4.80 -12.04 4.62
CA MET B 62 3.95 -10.88 4.92
C MET B 62 2.48 -11.20 4.62
N ASP B 63 1.52 -10.56 5.33
CA ASP B 63 0.09 -10.63 5.01
C ASP B 63 -0.23 -9.57 3.98
N LYS B 64 -0.90 -9.91 2.87
CA LYS B 64 -1.31 -8.90 1.86
C LYS B 64 -2.48 -8.05 2.36
N ASN B 65 -3.11 -8.47 3.49
CA ASN B 65 -4.32 -7.87 4.07
C ASN B 65 -4.08 -7.19 5.42
N THR B 66 -3.54 -7.94 6.40
CA THR B 66 -3.47 -7.53 7.81
C THR B 66 -2.27 -6.60 8.07
N LEU B 67 -1.35 -6.45 7.07
CA LEU B 67 -0.25 -5.47 7.10
C LEU B 67 -0.76 -4.02 6.88
N GLY B 68 -1.53 -3.80 5.82
CA GLY B 68 -2.15 -2.52 5.54
C GLY B 68 -1.22 -1.49 4.94
N SER B 69 -0.73 -0.55 5.81
CA SER B 69 0.25 0.51 5.48
C SER B 69 1.74 0.02 5.51
N ASP B 70 1.94 -1.30 5.69
CA ASP B 70 3.22 -1.99 5.52
C ASP B 70 3.44 -2.46 4.07
N LEU B 71 2.37 -2.44 3.24
CA LEU B 71 2.38 -2.80 1.82
C LEU B 71 3.27 -1.88 0.95
N PRO B 72 3.27 -0.53 1.08
CA PRO B 72 4.19 0.27 0.27
C PRO B 72 5.66 0.17 0.68
N ARG B 73 5.94 -0.09 1.98
CA ARG B 73 7.30 -0.33 2.48
C ARG B 73 7.92 -1.58 1.84
N ILE B 74 7.09 -2.62 1.64
CA ILE B 74 7.38 -3.89 0.94
C ILE B 74 7.68 -3.66 -0.56
N LYS B 75 6.88 -2.89 -1.27
CA LYS B 75 7.11 -2.69 -2.69
C LYS B 75 8.22 -1.65 -2.95
N THR B 76 8.53 -0.74 -1.98
CA THR B 76 9.70 0.15 -2.06
C THR B 76 10.97 -0.71 -1.97
N GLU B 77 10.98 -1.63 -0.99
CA GLU B 77 12.07 -2.55 -0.71
C GLU B 77 12.39 -3.39 -1.92
N ILE B 78 11.40 -4.18 -2.40
CA ILE B 78 11.50 -5.12 -3.53
C ILE B 78 12.11 -4.43 -4.76
N GLU B 79 11.58 -3.28 -5.14
CA GLU B 79 12.04 -2.56 -6.33
C GLU B 79 13.47 -1.93 -6.19
N ALA B 80 13.98 -1.66 -4.95
CA ALA B 80 15.37 -1.25 -4.70
C ALA B 80 16.29 -2.46 -4.72
N LEU B 81 15.88 -3.57 -4.07
CA LEU B 81 16.65 -4.82 -4.00
C LEU B 81 16.81 -5.50 -5.37
N LYS B 82 15.79 -5.37 -6.27
CA LYS B 82 15.83 -5.86 -7.66
C LYS B 82 16.93 -5.21 -8.50
N ASN B 83 17.28 -3.95 -8.17
CA ASN B 83 18.22 -3.12 -8.92
C ASN B 83 19.56 -2.96 -8.20
N LEU B 84 19.60 -3.18 -6.87
CA LEU B 84 20.85 -3.17 -6.10
C LEU B 84 21.45 -4.57 -5.94
N ARG B 85 22.73 -4.71 -6.30
CA ARG B 85 23.43 -5.98 -6.25
C ARG B 85 24.89 -5.81 -5.79
N HIS B 86 25.19 -6.24 -4.55
CA HIS B 86 26.46 -5.92 -3.90
C HIS B 86 26.83 -6.96 -2.86
N GLN B 87 28.15 -7.17 -2.65
CA GLN B 87 28.71 -8.11 -1.68
C GLN B 87 28.33 -7.79 -0.21
N HIS B 88 28.00 -6.52 0.10
CA HIS B 88 27.60 -6.08 1.45
C HIS B 88 26.14 -5.66 1.55
N ILE B 89 25.29 -6.07 0.55
CA ILE B 89 23.83 -5.91 0.56
C ILE B 89 23.21 -7.30 0.55
N CYS B 90 22.32 -7.59 1.53
CA CYS B 90 21.58 -8.84 1.65
C CYS B 90 20.76 -9.12 0.39
N GLN B 91 21.18 -10.12 -0.39
CA GLN B 91 20.65 -10.42 -1.72
C GLN B 91 19.20 -10.91 -1.70
N LEU B 92 18.37 -10.38 -2.61
CA LEU B 92 17.03 -10.84 -2.94
C LEU B 92 17.18 -11.87 -4.08
N TYR B 93 16.66 -13.09 -3.88
CA TYR B 93 16.76 -14.19 -4.83
C TYR B 93 15.45 -14.42 -5.56
N HIS B 94 14.32 -14.44 -4.82
CA HIS B 94 13.02 -14.84 -5.35
C HIS B 94 11.92 -13.98 -4.72
N VAL B 95 11.00 -13.45 -5.54
CA VAL B 95 9.74 -12.87 -5.09
C VAL B 95 8.57 -13.80 -5.56
N LEU B 96 7.72 -14.30 -4.59
CA LEU B 96 6.47 -15.05 -4.87
C LEU B 96 5.27 -14.34 -4.23
N GLU B 97 4.20 -14.12 -5.00
CA GLU B 97 3.06 -13.35 -4.53
C GLU B 97 1.74 -14.12 -4.65
N THR B 98 1.32 -14.83 -3.58
CA THR B 98 -0.01 -15.46 -3.54
C THR B 98 -1.06 -14.40 -3.16
N ALA B 99 -2.35 -14.80 -2.95
CA ALA B 99 -3.46 -13.87 -2.70
C ALA B 99 -3.30 -13.04 -1.41
N ASN B 100 -3.03 -13.71 -0.28
CA ASN B 100 -2.96 -13.07 1.03
C ASN B 100 -1.53 -13.03 1.54
N LYS B 101 -0.55 -13.23 0.63
CA LYS B 101 0.86 -13.32 0.99
C LYS B 101 1.79 -12.67 -0.04
N ILE B 102 2.84 -11.99 0.43
CA ILE B 102 4.03 -11.69 -0.38
C ILE B 102 5.22 -12.36 0.32
N PHE B 103 5.82 -13.38 -0.32
CA PHE B 103 7.09 -13.93 0.15
C PHE B 103 8.30 -13.28 -0.60
N MET B 104 9.35 -12.98 0.15
CA MET B 104 10.65 -12.48 -0.31
C MET B 104 11.71 -13.51 0.14
N VAL B 105 12.47 -14.08 -0.81
CA VAL B 105 13.50 -15.06 -0.49
C VAL B 105 14.86 -14.36 -0.52
N LEU B 106 15.50 -14.28 0.64
CA LEU B 106 16.67 -13.41 0.89
C LEU B 106 17.82 -14.24 1.44
N GLU B 107 19.07 -13.74 1.32
CA GLU B 107 20.31 -14.37 1.77
C GLU B 107 20.30 -14.72 3.28
N TYR B 108 21.00 -15.79 3.67
CA TYR B 108 21.10 -16.35 5.03
C TYR B 108 22.22 -15.64 5.78
N CYS B 109 21.86 -14.87 6.83
CA CYS B 109 22.78 -14.11 7.69
C CYS B 109 22.71 -14.70 9.13
N PRO B 110 23.35 -15.86 9.43
CA PRO B 110 23.20 -16.43 10.77
C PRO B 110 23.91 -15.72 11.91
N GLY B 111 24.78 -14.75 11.59
CA GLY B 111 25.64 -14.08 12.56
C GLY B 111 25.00 -13.06 13.48
N GLY B 112 23.74 -12.71 13.23
CA GLY B 112 22.95 -11.78 14.04
C GLY B 112 23.11 -10.31 13.70
N GLU B 113 22.43 -9.42 14.46
CA GLU B 113 22.44 -7.96 14.29
C GLU B 113 23.78 -7.40 14.74
N LEU B 114 24.21 -6.28 14.11
CA LEU B 114 25.34 -5.52 14.63
C LEU B 114 24.95 -4.87 15.98
N PHE B 115 23.66 -4.51 16.15
CA PHE B 115 23.11 -4.04 17.43
C PHE B 115 23.43 -5.00 18.57
N ASP B 116 23.00 -6.28 18.42
CA ASP B 116 23.22 -7.35 19.41
C ASP B 116 24.70 -7.63 19.66
N TYR B 117 25.53 -7.44 18.62
CA TYR B 117 26.98 -7.59 18.69
C TYR B 117 27.59 -6.51 19.60
N ILE B 118 27.19 -5.23 19.42
CA ILE B 118 27.62 -4.09 20.26
C ILE B 118 27.20 -4.27 21.74
N ILE B 119 25.90 -4.47 22.00
CA ILE B 119 25.35 -4.52 23.37
C ILE B 119 25.86 -5.74 24.18
N SER B 120 26.42 -6.77 23.52
CA SER B 120 27.07 -7.92 24.18
C SER B 120 28.49 -7.58 24.67
N GLN B 121 29.27 -6.85 23.84
CA GLN B 121 30.51 -6.20 24.26
C GLN B 121 30.18 -4.92 25.05
N ASP B 122 31.22 -4.28 25.61
CA ASP B 122 31.11 -2.95 26.20
C ASP B 122 30.91 -1.97 25.03
N ARG B 123 31.99 -1.79 24.29
CA ARG B 123 32.17 -0.98 23.09
C ARG B 123 33.26 -1.70 22.29
N LEU B 124 33.46 -1.28 21.03
CA LEU B 124 34.55 -1.84 20.24
C LEU B 124 35.78 -0.96 20.31
N SER B 125 36.96 -1.54 20.12
CA SER B 125 38.21 -0.82 19.89
C SER B 125 38.19 -0.12 18.51
N GLU B 126 38.95 0.99 18.37
CA GLU B 126 39.16 1.71 17.11
C GLU B 126 39.55 0.73 15.98
N GLU B 127 40.50 -0.16 16.28
CA GLU B 127 41.01 -1.15 15.33
C GLU B 127 39.86 -2.03 14.82
N GLU B 128 39.02 -2.54 15.75
CA GLU B 128 37.85 -3.38 15.46
C GLU B 128 36.73 -2.61 14.75
N THR B 129 36.46 -1.34 15.15
CA THR B 129 35.38 -0.57 14.57
C THR B 129 35.66 -0.31 13.12
N ARG B 130 36.94 -0.06 12.75
CA ARG B 130 37.38 0.19 11.36
C ARG B 130 37.08 -1.00 10.45
N VAL B 131 37.32 -2.24 10.94
CA VAL B 131 37.10 -3.47 10.19
C VAL B 131 35.61 -3.54 9.77
N VAL B 132 34.73 -3.23 10.72
CA VAL B 132 33.28 -3.18 10.59
C VAL B 132 32.85 -2.01 9.72
N PHE B 133 33.42 -0.80 9.97
CA PHE B 133 32.99 0.47 9.38
C PHE B 133 33.32 0.57 7.91
N ARG B 134 34.45 -0.06 7.48
CA ARG B 134 34.85 -0.10 6.07
C ARG B 134 33.87 -0.94 5.24
N GLN B 135 33.13 -1.84 5.91
CA GLN B 135 32.13 -2.68 5.28
C GLN B 135 30.79 -1.98 5.18
N ILE B 136 30.53 -1.05 6.11
CA ILE B 136 29.41 -0.11 6.03
C ILE B 136 29.64 0.87 4.87
N VAL B 137 30.80 1.59 4.85
CA VAL B 137 31.15 2.57 3.80
C VAL B 137 30.97 1.95 2.40
N SER B 138 31.49 0.74 2.21
CA SER B 138 31.40 0.00 0.94
C SER B 138 29.98 -0.14 0.42
N ALA B 139 29.03 -0.58 1.28
CA ALA B 139 27.64 -0.82 0.93
C ALA B 139 26.91 0.47 0.53
N VAL B 140 26.99 1.50 1.38
CA VAL B 140 26.31 2.77 1.24
C VAL B 140 26.85 3.57 0.03
N ALA B 141 28.19 3.57 -0.19
CA ALA B 141 28.81 4.24 -1.34
C ALA B 141 28.27 3.68 -2.67
N TYR B 142 28.01 2.35 -2.73
CA TYR B 142 27.39 1.71 -3.88
C TYR B 142 25.90 2.09 -4.00
N VAL B 143 25.12 2.01 -2.88
CA VAL B 143 23.70 2.45 -2.79
C VAL B 143 23.55 3.85 -3.47
N HIS B 144 24.41 4.80 -3.10
CA HIS B 144 24.44 6.17 -3.61
C HIS B 144 24.86 6.22 -5.07
N SER B 145 25.82 5.36 -5.47
CA SER B 145 26.29 5.28 -6.86
C SER B 145 25.17 4.81 -7.79
N GLN B 146 24.18 4.09 -7.22
CA GLN B 146 23.03 3.53 -7.93
C GLN B 146 21.77 4.45 -7.92
N GLY B 147 21.90 5.63 -7.32
CA GLY B 147 20.84 6.64 -7.31
C GLY B 147 19.97 6.67 -6.08
N TYR B 148 20.15 5.67 -5.17
CA TYR B 148 19.38 5.52 -3.93
C TYR B 148 20.06 6.14 -2.71
N ALA B 149 19.27 6.32 -1.65
CA ALA B 149 19.72 6.69 -0.30
C ALA B 149 18.87 5.88 0.71
N HIS B 150 19.52 5.07 1.59
CA HIS B 150 18.87 4.10 2.50
C HIS B 150 17.84 4.73 3.49
N ARG B 151 18.24 5.84 4.19
CA ARG B 151 17.43 6.69 5.08
C ARG B 151 17.05 6.05 6.44
N ASP B 152 17.52 4.84 6.75
CA ASP B 152 17.23 4.12 8.00
C ASP B 152 18.44 3.24 8.44
N LEU B 153 19.66 3.78 8.33
CA LEU B 153 20.89 3.09 8.72
C LEU B 153 20.98 3.11 10.23
N LYS B 154 21.03 1.94 10.83
CA LYS B 154 21.14 1.75 12.30
C LYS B 154 21.65 0.32 12.57
N PRO B 155 22.31 0.03 13.71
CA PRO B 155 22.93 -1.29 13.88
C PRO B 155 21.98 -2.49 13.85
N GLU B 156 20.65 -2.25 13.92
CA GLU B 156 19.64 -3.32 13.76
C GLU B 156 19.47 -3.73 12.28
N ASN B 157 19.72 -2.76 11.35
CA ASN B 157 19.60 -2.96 9.91
C ASN B 157 20.89 -3.44 9.23
N LEU B 158 21.82 -4.06 10.00
CA LEU B 158 23.06 -4.53 9.43
C LEU B 158 23.48 -5.94 9.96
N LEU B 159 23.07 -7.05 9.29
CA LEU B 159 23.34 -8.43 9.80
C LEU B 159 24.73 -8.98 9.45
N PHE B 160 25.16 -10.06 10.15
CA PHE B 160 26.42 -10.74 9.86
C PHE B 160 26.17 -12.08 9.21
N ASP B 161 26.91 -12.41 8.16
CA ASP B 161 26.78 -13.76 7.60
C ASP B 161 27.71 -14.76 8.33
N GLU B 162 27.77 -16.03 7.82
CA GLU B 162 28.56 -17.10 8.42
C GLU B 162 30.09 -16.92 8.26
N TYR B 163 30.50 -15.97 7.39
CA TYR B 163 31.88 -15.62 7.08
C TYR B 163 32.24 -14.32 7.77
N HIS B 164 31.33 -13.82 8.66
CA HIS B 164 31.44 -12.64 9.55
C HIS B 164 31.49 -11.31 8.79
N LYS B 165 31.04 -11.29 7.52
CA LYS B 165 30.94 -10.03 6.74
C LYS B 165 29.55 -9.38 6.94
N LEU B 166 29.48 -8.03 6.99
CA LEU B 166 28.20 -7.33 7.18
C LEU B 166 27.30 -7.33 5.91
N LYS B 167 25.97 -7.23 6.09
CA LYS B 167 24.97 -7.26 5.00
C LYS B 167 23.86 -6.35 5.43
N LEU B 168 23.60 -5.31 4.64
CA LEU B 168 22.61 -4.25 4.86
C LEU B 168 21.20 -4.77 4.54
N ILE B 169 20.17 -4.34 5.32
CA ILE B 169 18.75 -4.77 5.15
C ILE B 169 17.80 -3.58 5.22
N ASP B 170 16.47 -3.83 5.10
CA ASP B 170 15.37 -2.89 5.33
C ASP B 170 15.45 -1.61 4.48
N PHE B 171 15.14 -1.75 3.16
CA PHE B 171 15.10 -0.66 2.16
C PHE B 171 13.69 -0.10 2.04
N GLY B 172 12.89 -0.28 3.08
CA GLY B 172 11.48 0.11 3.09
C GLY B 172 11.31 1.60 3.00
N LEU B 173 12.23 2.35 3.66
CA LEU B 173 12.27 3.82 3.71
C LEU B 173 13.18 4.45 2.66
N CYS B 174 13.85 3.65 1.80
CA CYS B 174 14.84 4.14 0.82
C CYS B 174 14.21 4.99 -0.27
N ALA B 175 15.01 5.88 -0.89
CA ALA B 175 14.51 6.78 -1.93
C ALA B 175 15.56 7.16 -2.96
N LYS B 176 15.14 7.75 -4.10
CA LYS B 176 15.99 8.33 -5.13
C LYS B 176 16.07 9.87 -4.97
N PRO B 177 17.13 10.41 -4.31
CA PRO B 177 17.27 11.87 -4.17
C PRO B 177 17.01 12.72 -5.43
N LYS B 178 17.59 12.33 -6.58
CA LYS B 178 17.41 13.12 -7.80
C LYS B 178 16.40 12.43 -8.76
N GLY B 179 15.40 11.80 -8.15
CA GLY B 179 14.33 11.08 -8.83
C GLY B 179 12.93 11.45 -8.39
N ASN B 180 11.94 10.61 -8.78
CA ASN B 180 10.52 10.82 -8.52
C ASN B 180 10.15 10.65 -7.02
N LYS B 181 9.24 11.51 -6.54
CA LYS B 181 8.58 11.51 -5.21
C LYS B 181 7.87 10.17 -4.92
N ASP B 182 8.35 9.42 -3.89
CA ASP B 182 7.78 8.12 -3.50
C ASP B 182 6.69 8.24 -2.43
N CYS B 189 13.39 8.67 5.99
CA CYS B 189 12.85 9.00 7.30
C CYS B 189 13.66 8.23 8.37
N GLY B 190 13.05 7.33 9.15
CA GLY B 190 13.80 6.34 9.92
C GLY B 190 13.55 6.24 11.41
N ALA B 191 14.65 6.20 12.21
CA ALA B 191 14.67 6.29 13.68
C ALA B 191 15.40 7.56 14.05
N LEU B 192 14.85 8.30 15.04
CA LEU B 192 15.26 9.67 15.36
C LEU B 192 16.72 9.81 15.78
N ALA B 193 17.20 8.94 16.69
CA ALA B 193 18.58 8.93 17.21
C ALA B 193 19.65 8.95 16.10
N TYR B 194 19.31 8.37 14.92
CA TYR B 194 20.16 8.25 13.73
C TYR B 194 19.82 9.26 12.62
N ALA B 195 18.74 10.04 12.77
CA ALA B 195 18.24 10.95 11.74
C ALA B 195 19.04 12.26 11.66
N ALA B 196 19.53 12.60 10.45
CA ALA B 196 20.26 13.83 10.16
C ALA B 196 19.40 15.07 10.42
N PRO B 197 19.98 16.23 10.82
CA PRO B 197 19.13 17.38 11.21
C PRO B 197 18.20 17.85 10.09
N GLU B 198 18.75 17.99 8.85
CA GLU B 198 18.00 18.45 7.68
C GLU B 198 16.83 17.52 7.32
N LEU B 199 16.95 16.23 7.66
CA LEU B 199 15.92 15.24 7.40
C LEU B 199 14.71 15.44 8.32
N ILE B 200 14.96 15.65 9.63
CA ILE B 200 13.95 15.90 10.66
C ILE B 200 13.08 17.12 10.30
N GLN B 201 13.66 18.14 9.63
CA GLN B 201 13.03 19.43 9.34
C GLN B 201 12.58 19.63 7.87
N GLY B 202 12.72 18.59 7.05
CA GLY B 202 12.26 18.63 5.66
C GLY B 202 13.16 17.90 4.68
N GLY B 207 20.43 14.65 0.34
CA GLY B 207 19.71 13.39 0.50
C GLY B 207 20.63 12.26 0.93
N SER B 208 21.68 12.02 0.14
CA SER B 208 22.72 11.06 0.50
C SER B 208 23.66 11.56 1.63
N GLU B 209 23.56 12.84 2.01
CA GLU B 209 24.30 13.46 3.12
C GLU B 209 23.74 12.97 4.45
N ALA B 210 22.41 12.71 4.50
CA ALA B 210 21.70 12.13 5.66
C ALA B 210 22.24 10.75 6.03
N ASP B 211 22.71 9.98 5.03
CA ASP B 211 23.34 8.68 5.26
C ASP B 211 24.75 8.84 5.85
N VAL B 212 25.51 9.88 5.41
CA VAL B 212 26.85 10.18 5.92
C VAL B 212 26.77 10.58 7.41
N TRP B 213 25.74 11.34 7.82
CA TRP B 213 25.48 11.65 9.24
C TRP B 213 25.15 10.40 10.04
N SER B 214 24.20 9.54 9.55
CA SER B 214 23.83 8.28 10.23
C SER B 214 25.00 7.34 10.42
N MET B 215 25.95 7.34 9.48
CA MET B 215 27.21 6.58 9.59
C MET B 215 28.10 7.15 10.65
N GLY B 216 28.03 8.45 10.87
CA GLY B 216 28.74 9.11 11.95
C GLY B 216 28.20 8.72 13.31
N ILE B 217 26.83 8.65 13.42
CA ILE B 217 26.12 8.20 14.66
C ILE B 217 26.52 6.76 14.99
N LEU B 218 26.53 5.92 13.94
CA LEU B 218 27.01 4.53 13.97
C LEU B 218 28.46 4.41 14.40
N LEU B 219 29.38 5.23 13.82
CA LEU B 219 30.79 5.25 14.16
C LEU B 219 31.00 5.55 15.65
N TYR B 220 30.23 6.49 16.20
CA TYR B 220 30.31 6.88 17.60
C TYR B 220 29.88 5.74 18.51
N VAL B 221 28.71 5.10 18.24
CA VAL B 221 28.15 4.02 19.06
C VAL B 221 29.07 2.80 19.11
N LEU B 222 29.71 2.46 17.98
CA LEU B 222 30.68 1.38 17.91
C LEU B 222 31.81 1.63 18.92
N MET B 223 32.35 2.85 18.93
CA MET B 223 33.54 3.18 19.74
C MET B 223 33.24 3.54 21.22
N CYS B 224 31.98 3.92 21.55
CA CYS B 224 31.59 4.39 22.90
C CYS B 224 30.63 3.42 23.62
N GLY B 225 29.79 2.73 22.85
CA GLY B 225 28.76 1.84 23.38
C GLY B 225 27.54 2.58 23.88
N PHE B 226 27.33 3.83 23.40
CA PHE B 226 26.16 4.68 23.68
C PHE B 226 25.94 5.72 22.57
N LEU B 227 24.72 6.27 22.47
CA LEU B 227 24.38 7.26 21.43
C LEU B 227 25.02 8.63 21.73
N PRO B 228 25.48 9.38 20.70
CA PRO B 228 26.00 10.74 20.95
C PRO B 228 24.91 11.75 21.33
N PHE B 229 23.66 11.48 20.88
CA PHE B 229 22.44 12.25 21.13
C PHE B 229 21.34 11.30 21.70
N ASP B 230 21.04 11.40 23.01
CA ASP B 230 20.03 10.59 23.70
C ASP B 230 19.30 11.42 24.74
N ASP B 231 17.97 11.19 24.88
CA ASP B 231 17.09 11.85 25.86
C ASP B 231 15.82 11.02 26.19
N ASP B 232 14.91 11.59 27.02
CA ASP B 232 13.66 10.96 27.44
C ASP B 232 12.55 11.19 26.41
N THR B 233 12.20 12.47 26.13
CA THR B 233 11.16 12.84 25.15
C THR B 233 11.75 13.04 23.75
N ALA B 234 10.88 13.00 22.71
CA ALA B 234 11.28 13.18 21.31
C ALA B 234 11.65 14.63 20.98
N ALA B 235 10.91 15.61 21.56
CA ALA B 235 11.12 17.05 21.36
C ALA B 235 12.45 17.49 21.95
N ALA B 236 12.89 16.81 23.03
CA ALA B 236 14.21 16.94 23.65
C ALA B 236 15.33 16.33 22.78
N LEU B 237 15.03 15.21 22.08
CA LEU B 237 15.98 14.50 21.20
C LEU B 237 16.18 15.25 19.88
N VAL B 238 15.12 15.90 19.33
CA VAL B 238 15.21 16.75 18.14
C VAL B 238 16.02 18.00 18.47
N ALA B 239 15.78 18.61 19.66
CA ALA B 239 16.55 19.75 20.15
C ALA B 239 18.05 19.47 20.24
N LYS B 240 18.40 18.28 20.72
CA LYS B 240 19.80 17.90 20.85
C LYS B 240 20.48 17.67 19.49
N ILE B 241 19.73 17.21 18.46
CA ILE B 241 20.31 16.93 17.14
C ILE B 241 20.65 18.25 16.41
N MET B 242 19.74 19.23 16.45
CA MET B 242 19.80 20.51 15.72
C MET B 242 21.00 21.39 16.13
N ARG B 243 21.31 21.48 17.46
CA ARG B 243 22.44 22.21 18.06
C ARG B 243 23.72 21.43 17.82
N GLY B 244 23.59 20.10 17.84
CA GLY B 244 24.64 19.17 17.39
C GLY B 244 25.84 18.98 18.31
N LYS B 245 25.71 19.45 19.56
CA LYS B 245 26.72 19.30 20.61
C LYS B 245 26.62 17.89 21.18
N TYR B 246 27.76 17.16 21.20
CA TYR B 246 27.86 15.78 21.72
C TYR B 246 29.12 15.65 22.60
N ASP B 247 29.16 14.62 23.45
CA ASP B 247 30.32 14.36 24.29
C ASP B 247 31.40 13.58 23.56
N VAL B 248 32.65 13.89 23.85
CA VAL B 248 33.80 13.20 23.31
C VAL B 248 34.42 12.37 24.44
N PRO B 249 34.12 11.05 24.56
CA PRO B 249 34.76 10.23 25.62
C PRO B 249 36.29 10.24 25.59
N LYS B 250 36.89 10.08 26.78
CA LYS B 250 38.33 10.18 27.00
C LYS B 250 39.14 9.20 26.15
N TRP B 251 38.66 7.96 26.02
CA TRP B 251 39.30 6.84 25.30
C TRP B 251 39.38 7.01 23.76
N LEU B 252 38.71 8.02 23.19
CA LEU B 252 38.71 8.32 21.76
C LEU B 252 40.03 8.97 21.31
N SER B 253 40.60 8.46 20.19
CA SER B 253 41.84 8.99 19.57
C SER B 253 41.57 10.32 18.83
N PRO B 254 42.56 11.23 18.72
CA PRO B 254 42.34 12.44 17.90
C PRO B 254 42.00 12.19 16.43
N SER B 255 42.45 11.03 15.85
CA SER B 255 42.10 10.57 14.50
C SER B 255 40.59 10.36 14.41
N SER B 256 40.00 9.63 15.40
CA SER B 256 38.56 9.38 15.54
C SER B 256 37.81 10.69 15.81
N ILE B 257 38.30 11.51 16.74
CA ILE B 257 37.70 12.78 17.13
C ILE B 257 37.51 13.66 15.89
N LEU B 258 38.55 13.79 15.05
CA LEU B 258 38.53 14.55 13.79
C LEU B 258 37.50 14.01 12.79
N LEU B 259 37.51 12.70 12.49
CA LEU B 259 36.56 12.07 11.56
C LEU B 259 35.10 12.22 12.04
N LEU B 260 34.87 12.07 13.36
CA LEU B 260 33.55 12.26 13.96
C LEU B 260 33.05 13.70 13.78
N GLN B 261 33.93 14.73 13.91
CA GLN B 261 33.44 16.07 13.70
C GLN B 261 33.25 16.39 12.19
N GLN B 262 33.97 15.71 11.30
CA GLN B 262 33.78 15.80 9.85
C GLN B 262 32.44 15.19 9.40
N MET B 263 32.06 14.05 10.00
CA MET B 263 30.83 13.32 9.70
C MET B 263 29.63 13.88 10.45
N LEU B 264 29.82 14.36 11.70
CA LEU B 264 28.71 14.95 12.47
C LEU B 264 28.71 16.49 12.44
N GLN B 265 28.53 17.03 11.23
CA GLN B 265 28.29 18.44 10.94
C GLN B 265 26.79 18.64 10.81
N VAL B 266 26.26 19.71 11.40
CA VAL B 266 24.83 20.06 11.34
C VAL B 266 24.46 20.57 9.94
N ASP B 267 25.37 21.36 9.32
CA ASP B 267 25.25 21.77 7.92
C ASP B 267 25.63 20.59 7.00
N PRO B 268 24.70 20.16 6.10
CA PRO B 268 25.02 19.02 5.20
C PRO B 268 26.00 19.38 4.07
N LYS B 269 26.11 20.69 3.75
CA LYS B 269 27.12 21.21 2.82
C LYS B 269 28.53 21.04 3.44
N LYS B 270 28.64 21.27 4.77
CA LYS B 270 29.87 21.11 5.56
C LYS B 270 30.30 19.64 5.79
N ARG B 271 29.34 18.69 5.76
CA ARG B 271 29.60 17.26 5.95
C ARG B 271 30.51 16.69 4.89
N ILE B 272 31.41 15.77 5.28
CA ILE B 272 32.43 15.16 4.42
C ILE B 272 31.76 14.33 3.34
N SER B 273 32.17 14.57 2.10
CA SER B 273 31.65 13.85 0.95
C SER B 273 32.10 12.38 0.95
N MET B 274 31.28 11.53 0.29
CA MET B 274 31.56 10.10 0.16
C MET B 274 32.88 9.82 -0.58
N LYS B 275 33.27 10.67 -1.54
CA LYS B 275 34.53 10.63 -2.31
C LYS B 275 35.74 10.81 -1.38
N ASN B 276 35.60 11.68 -0.36
CA ASN B 276 36.61 11.95 0.66
C ASN B 276 36.61 10.97 1.86
N LEU B 277 35.46 10.36 2.17
CA LEU B 277 35.37 9.31 3.20
C LEU B 277 36.17 8.09 2.77
N LEU B 278 35.90 7.58 1.54
CA LEU B 278 36.54 6.38 1.03
C LEU B 278 38.05 6.34 1.27
N ASN B 279 38.77 7.45 1.00
CA ASN B 279 40.23 7.56 1.12
C ASN B 279 40.69 8.46 2.30
N HIS B 280 39.84 8.62 3.34
CA HIS B 280 40.17 9.33 4.59
C HIS B 280 41.34 8.61 5.30
N PRO B 281 42.29 9.35 5.96
CA PRO B 281 43.43 8.68 6.62
C PRO B 281 43.10 7.77 7.83
N TRP B 282 41.96 8.00 8.52
CA TRP B 282 41.46 7.06 9.54
C TRP B 282 40.96 5.76 8.89
N ILE B 283 40.17 5.85 7.78
CA ILE B 283 39.73 4.69 6.96
C ILE B 283 40.93 3.83 6.55
N MET B 284 42.04 4.51 6.18
CA MET B 284 43.29 3.95 5.67
C MET B 284 44.18 3.33 6.75
N GLN B 285 44.18 3.86 7.98
CA GLN B 285 45.12 3.41 9.01
C GLN B 285 45.09 1.86 9.22
N ASP B 286 46.24 1.21 8.90
CA ASP B 286 46.57 -0.22 8.95
C ASP B 286 46.12 -1.00 7.67
N TYR B 287 45.33 -0.39 6.77
CA TYR B 287 44.93 -0.98 5.48
C TYR B 287 45.77 -0.47 4.29
N ASN B 288 46.00 0.86 4.18
CA ASN B 288 46.88 1.53 3.20
C ASN B 288 46.34 1.53 1.76
N TYR B 289 45.08 1.13 1.59
CA TYR B 289 44.33 1.29 0.36
C TYR B 289 42.90 1.78 0.68
N PRO B 290 42.21 2.60 -0.17
CA PRO B 290 40.86 3.05 0.20
C PRO B 290 39.81 1.95 0.11
N VAL B 291 38.60 2.20 0.64
CA VAL B 291 37.49 1.24 0.64
C VAL B 291 37.11 0.79 -0.79
N GLU B 292 37.17 -0.53 -1.07
CA GLU B 292 36.70 -1.10 -2.33
C GLU B 292 35.17 -1.15 -2.30
N TRP B 293 34.54 -0.14 -2.91
CA TRP B 293 33.09 0.02 -2.86
C TRP B 293 32.37 -0.63 -4.04
N GLN B 294 33.04 -0.75 -5.20
CA GLN B 294 32.43 -1.29 -6.43
C GLN B 294 32.00 -2.74 -6.30
N SER B 295 30.84 -3.07 -6.88
CA SER B 295 30.18 -4.36 -6.79
C SER B 295 30.94 -5.45 -7.50
N LYS B 296 31.22 -6.54 -6.78
CA LYS B 296 31.81 -7.77 -7.30
C LYS B 296 30.70 -8.75 -7.76
N ASN B 297 29.40 -8.37 -7.55
CA ASN B 297 28.21 -9.19 -7.90
C ASN B 297 27.48 -8.59 -9.16
N PRO B 298 27.75 -9.09 -10.40
CA PRO B 298 27.26 -8.39 -11.61
C PRO B 298 25.90 -8.81 -12.16
N PHE B 299 25.25 -7.90 -12.93
CA PHE B 299 23.99 -8.14 -13.64
C PHE B 299 24.23 -8.56 -15.09
N ILE B 300 25.25 -7.93 -15.75
CA ILE B 300 25.61 -8.11 -17.16
C ILE B 300 26.39 -9.41 -17.36
N HIS B 301 27.58 -9.52 -16.71
CA HIS B 301 28.42 -10.72 -16.81
C HIS B 301 27.74 -11.90 -16.13
N LEU B 302 27.61 -12.99 -16.87
CA LEU B 302 26.97 -14.22 -16.46
C LEU B 302 28.06 -15.29 -16.38
N ASP B 303 28.09 -16.05 -15.26
CA ASP B 303 29.05 -17.14 -15.09
C ASP B 303 28.71 -18.29 -16.04
N ASP B 304 29.71 -19.08 -16.44
CA ASP B 304 29.53 -20.12 -17.46
C ASP B 304 29.22 -21.49 -16.88
N ASP B 305 29.94 -21.92 -15.81
CA ASP B 305 29.65 -23.12 -15.02
C ASP B 305 28.16 -23.20 -14.57
N CYS B 306 27.54 -22.03 -14.29
CA CYS B 306 26.17 -21.89 -13.81
C CYS B 306 25.15 -21.91 -14.95
N VAL B 307 25.43 -21.19 -16.06
CA VAL B 307 24.62 -21.17 -17.27
C VAL B 307 24.57 -22.59 -17.92
N THR B 308 25.69 -23.35 -17.84
CA THR B 308 25.77 -24.70 -18.38
C THR B 308 24.98 -25.71 -17.53
N GLU B 309 25.15 -25.67 -16.20
CA GLU B 309 24.45 -26.56 -15.27
C GLU B 309 22.91 -26.29 -15.28
N LEU B 310 22.49 -25.04 -15.60
CA LEU B 310 21.07 -24.70 -15.76
C LEU B 310 20.49 -25.21 -17.08
N SER B 311 21.32 -25.36 -18.13
CA SER B 311 20.92 -25.91 -19.44
C SER B 311 20.64 -27.42 -19.37
N VAL B 312 21.55 -28.21 -18.74
CA VAL B 312 21.44 -29.68 -18.56
C VAL B 312 20.21 -30.04 -17.67
N HIS B 313 19.90 -29.20 -16.68
CA HIS B 313 18.75 -29.41 -15.81
C HIS B 313 17.44 -29.05 -16.53
N HIS B 314 17.34 -27.83 -17.10
CA HIS B 314 16.12 -27.32 -17.74
C HIS B 314 15.83 -27.91 -19.12
N ARG B 315 16.88 -28.46 -19.79
CA ARG B 315 16.84 -29.09 -21.12
C ARG B 315 16.52 -28.05 -22.23
N ASN B 316 17.45 -27.06 -22.41
CA ASN B 316 17.44 -26.04 -23.48
C ASN B 316 18.86 -25.48 -23.79
N ASN B 317 19.02 -24.81 -24.96
CA ASN B 317 20.31 -24.25 -25.43
C ASN B 317 20.82 -23.11 -24.56
N ARG B 318 22.16 -23.00 -24.43
CA ARG B 318 22.83 -22.00 -23.61
C ARG B 318 22.81 -20.57 -24.22
N GLN B 319 22.31 -20.43 -25.47
CA GLN B 319 22.15 -19.14 -26.14
C GLN B 319 20.89 -18.38 -25.65
N THR B 320 19.73 -19.07 -25.62
CA THR B 320 18.47 -18.51 -25.15
C THR B 320 18.40 -18.54 -23.62
N MET B 321 19.17 -19.46 -22.98
CA MET B 321 19.31 -19.50 -21.51
C MET B 321 20.03 -18.27 -21.01
N GLU B 322 21.14 -17.89 -21.68
CA GLU B 322 21.98 -16.72 -21.34
C GLU B 322 21.21 -15.40 -21.45
N ASP B 323 20.17 -15.37 -22.31
CA ASP B 323 19.21 -14.27 -22.41
C ASP B 323 18.05 -14.43 -21.42
N LEU B 324 17.67 -15.70 -21.08
CA LEU B 324 16.59 -16.00 -20.10
C LEU B 324 16.99 -15.67 -18.66
N ILE B 325 18.28 -15.89 -18.30
CA ILE B 325 18.84 -15.49 -17.02
C ILE B 325 18.92 -13.96 -16.93
N SER B 326 19.34 -13.29 -18.03
CA SER B 326 19.48 -11.83 -18.10
C SER B 326 18.14 -11.05 -18.06
N LEU B 327 16.99 -11.77 -18.09
CA LEU B 327 15.64 -11.21 -17.88
C LEU B 327 15.49 -10.63 -16.46
N TRP B 328 16.17 -11.23 -15.45
CA TRP B 328 16.15 -10.90 -14.02
C TRP B 328 14.72 -10.64 -13.50
N GLN B 329 13.86 -11.66 -13.67
CA GLN B 329 12.43 -11.63 -13.30
C GLN B 329 12.19 -11.84 -11.80
N TYR B 330 13.22 -12.32 -11.06
CA TYR B 330 13.20 -12.70 -9.65
C TYR B 330 12.12 -13.75 -9.38
N ASP B 331 12.15 -14.79 -10.25
CA ASP B 331 11.35 -16.00 -10.16
C ASP B 331 12.26 -17.16 -9.72
N HIS B 332 11.92 -18.43 -10.03
CA HIS B 332 12.69 -19.57 -9.54
C HIS B 332 14.07 -19.69 -10.21
N LEU B 333 14.17 -19.28 -11.49
CA LEU B 333 15.39 -19.28 -12.29
C LEU B 333 16.47 -18.35 -11.73
N THR B 334 16.10 -17.11 -11.35
CA THR B 334 16.97 -16.11 -10.72
C THR B 334 17.44 -16.59 -9.36
N ALA B 335 16.55 -17.20 -8.56
CA ALA B 335 16.87 -17.80 -7.26
C ALA B 335 17.92 -18.93 -7.42
N THR B 336 17.71 -19.87 -8.39
CA THR B 336 18.55 -21.03 -8.71
C THR B 336 19.92 -20.58 -9.26
N TYR B 337 19.96 -19.61 -10.19
CA TYR B 337 21.22 -19.08 -10.72
C TYR B 337 22.09 -18.49 -9.62
N LEU B 338 21.56 -17.50 -8.86
CA LEU B 338 22.28 -16.79 -7.81
C LEU B 338 22.78 -17.70 -6.68
N LEU B 339 21.97 -18.72 -6.29
CA LEU B 339 22.35 -19.68 -5.25
C LEU B 339 23.39 -20.66 -5.75
N LEU B 340 23.42 -20.94 -7.06
CA LEU B 340 24.46 -21.76 -7.71
C LEU B 340 25.76 -20.99 -7.71
N LEU B 341 25.69 -19.69 -8.08
CA LEU B 341 26.82 -18.77 -8.07
C LEU B 341 27.32 -18.56 -6.63
N ALA B 342 26.42 -18.63 -5.64
CA ALA B 342 26.75 -18.68 -4.21
C ALA B 342 27.42 -20.00 -3.84
N LYS B 343 26.92 -21.15 -4.37
CA LYS B 343 27.46 -22.50 -4.12
C LYS B 343 28.89 -22.71 -4.65
N LYS B 344 29.17 -22.24 -5.90
CA LYS B 344 30.49 -22.29 -6.53
C LYS B 344 31.53 -21.49 -5.72
N ALA B 345 31.15 -20.27 -5.28
CA ALA B 345 32.03 -19.35 -4.56
C ALA B 345 32.44 -19.89 -3.19
N ARG B 346 31.58 -20.75 -2.59
CA ARG B 346 31.73 -21.29 -1.23
C ARG B 346 32.92 -22.23 -1.09
N GLY B 347 32.94 -23.30 -1.89
CA GLY B 347 33.92 -24.39 -1.79
C GLY B 347 33.29 -25.77 -1.88
N LYS B 348 32.08 -25.83 -2.47
CA LYS B 348 31.34 -27.06 -2.76
C LYS B 348 30.97 -27.10 -4.26
N PRO B 349 30.88 -28.31 -4.87
CA PRO B 349 30.60 -28.41 -6.31
C PRO B 349 29.24 -27.88 -6.80
N VAL B 350 29.25 -27.36 -8.05
CA VAL B 350 28.14 -26.87 -8.87
C VAL B 350 27.15 -28.05 -9.18
N ARG B 351 26.20 -28.29 -8.24
CA ARG B 351 25.19 -29.35 -8.31
C ARG B 351 23.77 -28.79 -8.30
N LEU B 352 22.88 -29.40 -9.11
CA LEU B 352 21.49 -29.01 -9.24
C LEU B 352 20.58 -30.24 -9.29
N ARG B 353 20.14 -30.71 -8.10
CA ARG B 353 19.41 -31.97 -7.95
C ARG B 353 17.97 -31.91 -8.48
N MET C 21 18.16 3.54 24.50
CA MET C 21 18.17 2.56 25.59
C MET C 21 17.87 3.19 26.97
N LYS C 22 17.59 4.52 27.01
CA LYS C 22 17.21 5.23 28.23
C LYS C 22 15.80 4.86 28.75
N ASP C 23 14.84 4.50 27.85
CA ASP C 23 13.46 4.12 28.22
C ASP C 23 13.36 2.73 28.93
N TYR C 24 14.46 1.97 28.87
CA TYR C 24 14.67 0.60 29.37
C TYR C 24 15.28 0.61 30.79
N ASP C 25 15.44 1.80 31.41
CA ASP C 25 16.11 1.98 32.69
C ASP C 25 15.37 1.36 33.88
N GLU C 26 14.02 1.44 33.90
CA GLU C 26 13.23 0.80 34.95
C GLU C 26 13.10 -0.69 34.68
N LEU C 27 13.09 -1.10 33.40
CA LEU C 27 13.10 -2.50 33.02
C LEU C 27 14.40 -3.17 33.51
N LEU C 28 15.57 -2.62 33.11
CA LEU C 28 16.88 -3.20 33.39
C LEU C 28 17.23 -3.25 34.90
N LYS C 29 16.41 -2.63 35.78
CA LYS C 29 16.44 -2.81 37.24
C LYS C 29 15.97 -4.23 37.60
N TYR C 30 15.09 -4.84 36.78
CA TYR C 30 14.40 -6.10 37.06
C TYR C 30 14.69 -7.24 36.07
N TYR C 31 14.96 -6.94 34.79
CA TYR C 31 15.18 -7.97 33.76
C TYR C 31 16.54 -7.82 33.05
N GLU C 32 17.21 -8.96 32.83
CA GLU C 32 18.43 -9.09 32.05
C GLU C 32 18.01 -9.54 30.62
N LEU C 33 17.97 -8.57 29.68
CA LEU C 33 17.43 -8.78 28.33
C LEU C 33 18.27 -9.73 27.47
N HIS C 34 17.62 -10.38 26.48
CA HIS C 34 18.21 -11.37 25.58
C HIS C 34 17.74 -11.19 24.10
N GLU C 35 17.86 -12.26 23.28
CA GLU C 35 17.56 -12.32 21.82
C GLU C 35 16.14 -11.83 21.47
N THR C 36 15.90 -11.41 20.20
CA THR C 36 14.61 -10.81 19.81
C THR C 36 13.47 -11.86 19.74
N ILE C 37 13.54 -12.84 18.80
CA ILE C 37 12.49 -13.84 18.48
C ILE C 37 11.07 -13.18 18.50
N GLY C 38 10.88 -12.24 17.57
CA GLY C 38 9.71 -11.38 17.43
C GLY C 38 10.07 -9.97 16.97
N THR C 39 10.33 -9.80 15.65
CA THR C 39 10.75 -8.53 15.06
C THR C 39 9.93 -8.17 13.81
N GLY C 40 9.35 -6.95 13.83
CA GLY C 40 8.60 -6.41 12.70
C GLY C 40 7.29 -5.73 13.05
N GLY C 41 7.30 -4.85 14.06
CA GLY C 41 6.13 -4.08 14.50
C GLY C 41 6.27 -3.45 15.88
N PHE C 42 5.12 -3.06 16.49
CA PHE C 42 5.07 -2.57 17.90
C PHE C 42 4.86 -3.72 18.90
N ALA C 43 4.55 -4.92 18.39
CA ALA C 43 4.75 -6.16 19.12
C ALA C 43 6.24 -6.49 18.91
N LYS C 44 7.11 -5.77 19.62
CA LYS C 44 8.54 -6.07 19.64
C LYS C 44 8.76 -7.01 20.80
N VAL C 45 8.87 -8.31 20.52
CA VAL C 45 9.17 -9.27 21.59
C VAL C 45 10.67 -9.46 21.68
N LYS C 46 11.20 -9.28 22.89
CA LYS C 46 12.56 -9.65 23.27
C LYS C 46 12.46 -10.75 24.31
N LEU C 47 13.36 -11.74 24.24
CA LEU C 47 13.56 -12.69 25.32
C LEU C 47 14.19 -11.92 26.49
N ALA C 48 14.02 -12.42 27.73
CA ALA C 48 14.55 -11.76 28.93
C ALA C 48 14.72 -12.77 30.05
N CYS C 49 15.51 -12.38 31.07
CA CYS C 49 15.70 -13.16 32.28
C CYS C 49 15.33 -12.32 33.51
N HIS C 50 14.46 -12.86 34.41
CA HIS C 50 14.11 -12.23 35.68
C HIS C 50 15.34 -12.26 36.59
N ILE C 51 15.75 -11.08 37.12
CA ILE C 51 16.98 -10.93 37.90
C ILE C 51 16.93 -11.76 39.21
N LEU C 52 15.84 -11.65 40.00
CA LEU C 52 15.76 -12.31 41.30
C LEU C 52 15.54 -13.83 41.20
N THR C 53 14.47 -14.31 40.54
CA THR C 53 14.15 -15.74 40.49
C THR C 53 15.14 -16.52 39.62
N GLY C 54 15.67 -15.88 38.59
CA GLY C 54 16.45 -16.54 37.55
C GLY C 54 15.64 -17.19 36.44
N GLU C 55 14.30 -17.01 36.47
CA GLU C 55 13.34 -17.63 35.55
C GLU C 55 13.25 -16.91 34.22
N MET C 56 13.07 -17.69 33.14
CA MET C 56 12.99 -17.16 31.79
C MET C 56 11.62 -16.55 31.48
N VAL C 57 11.63 -15.37 30.89
CA VAL C 57 10.42 -14.61 30.59
C VAL C 57 10.42 -14.08 29.11
N ALA C 58 9.29 -13.59 28.64
CA ALA C 58 9.23 -12.93 27.33
C ALA C 58 8.64 -11.52 27.46
N ILE C 59 9.36 -10.48 27.03
CA ILE C 59 8.86 -9.11 27.13
C ILE C 59 8.42 -8.61 25.77
N LYS C 60 7.19 -8.09 25.71
CA LYS C 60 6.57 -7.37 24.60
C LYS C 60 6.79 -5.86 24.85
N ILE C 61 7.42 -5.17 23.89
CA ILE C 61 7.80 -3.76 24.01
C ILE C 61 6.92 -2.93 23.05
N MET C 62 5.96 -2.18 23.62
CA MET C 62 4.94 -1.43 22.85
C MET C 62 5.27 0.04 22.76
N ASP C 63 5.06 0.65 21.58
CA ASP C 63 5.35 2.07 21.37
C ASP C 63 4.07 2.91 21.32
N LYS C 64 3.99 3.93 22.22
CA LYS C 64 2.82 4.80 22.38
C LYS C 64 3.01 6.19 21.73
N SER C 69 0.56 3.92 17.90
CA SER C 69 0.00 3.46 16.63
C SER C 69 -1.45 2.97 16.80
N ASP C 70 -1.65 1.65 17.06
CA ASP C 70 -2.98 1.13 17.45
C ASP C 70 -2.92 0.30 18.72
N LEU C 71 -3.08 1.01 19.84
CA LEU C 71 -2.91 0.52 21.21
C LEU C 71 -4.23 0.49 22.06
N PRO C 72 -5.47 0.61 21.51
CA PRO C 72 -6.64 0.05 22.24
C PRO C 72 -6.61 -1.48 22.32
N ARG C 73 -6.00 -2.16 21.32
CA ARG C 73 -5.79 -3.62 21.32
C ARG C 73 -4.89 -4.04 22.49
N ILE C 74 -3.88 -3.21 22.81
CA ILE C 74 -2.94 -3.38 23.94
C ILE C 74 -3.67 -3.22 25.28
N LYS C 75 -4.57 -2.22 25.37
CA LYS C 75 -5.33 -1.91 26.59
C LYS C 75 -6.39 -3.00 26.91
N THR C 76 -7.15 -3.50 25.90
CA THR C 76 -8.07 -4.66 26.01
C THR C 76 -7.32 -5.92 26.44
N GLU C 77 -6.10 -6.14 25.87
CA GLU C 77 -5.30 -7.33 26.17
C GLU C 77 -4.95 -7.31 27.65
N ILE C 78 -4.21 -6.27 28.11
CA ILE C 78 -3.75 -6.07 29.48
C ILE C 78 -4.88 -6.25 30.50
N GLU C 79 -6.02 -5.56 30.28
CA GLU C 79 -7.21 -5.63 31.14
C GLU C 79 -7.72 -7.08 31.30
N ALA C 80 -7.83 -7.83 30.18
CA ALA C 80 -8.28 -9.22 30.14
C ALA C 80 -7.31 -10.17 30.85
N LEU C 81 -5.99 -10.00 30.56
CA LEU C 81 -4.92 -10.82 31.12
C LEU C 81 -4.76 -10.62 32.64
N LYS C 82 -5.03 -9.39 33.16
CA LYS C 82 -5.03 -9.05 34.58
C LYS C 82 -6.10 -9.81 35.38
N ASN C 83 -7.21 -10.17 34.71
CA ASN C 83 -8.38 -10.83 35.31
C ASN C 83 -8.47 -12.32 34.96
N LEU C 84 -7.82 -12.75 33.86
CA LEU C 84 -7.78 -14.16 33.47
C LEU C 84 -6.48 -14.84 33.96
N ARG C 85 -6.60 -15.98 34.65
CA ARG C 85 -5.43 -16.69 35.20
C ARG C 85 -5.65 -18.20 35.09
N HIS C 86 -5.03 -18.85 34.12
CA HIS C 86 -5.33 -20.23 33.75
C HIS C 86 -4.07 -20.95 33.28
N GLN C 87 -4.03 -22.28 33.51
CA GLN C 87 -2.92 -23.16 33.11
C GLN C 87 -2.68 -23.22 31.58
N HIS C 88 -3.72 -22.92 30.77
CA HIS C 88 -3.62 -22.91 29.30
C HIS C 88 -3.76 -21.51 28.69
N ILE C 89 -3.56 -20.43 29.51
CA ILE C 89 -3.48 -19.02 29.08
C ILE C 89 -2.10 -18.50 29.42
N CYS C 90 -1.40 -17.92 28.44
CA CYS C 90 -0.06 -17.35 28.60
C CYS C 90 -0.10 -16.24 29.65
N GLN C 91 0.53 -16.47 30.82
CA GLN C 91 0.47 -15.60 31.99
C GLN C 91 1.15 -14.25 31.79
N LEU C 92 0.46 -13.18 32.23
CA LEU C 92 0.99 -11.82 32.38
C LEU C 92 1.56 -11.70 33.80
N TYR C 93 2.84 -11.31 33.92
CA TYR C 93 3.56 -11.19 35.18
C TYR C 93 3.69 -9.72 35.63
N HIS C 94 4.11 -8.85 34.70
CA HIS C 94 4.51 -7.48 35.01
C HIS C 94 4.06 -6.55 33.88
N VAL C 95 3.46 -5.40 34.26
CA VAL C 95 2.97 -4.31 33.39
C VAL C 95 3.79 -3.05 33.71
N LEU C 96 4.67 -2.62 32.80
CA LEU C 96 5.70 -1.62 33.08
C LEU C 96 5.66 -0.42 32.09
N GLU C 97 4.63 0.44 32.24
CA GLU C 97 4.41 1.64 31.43
C GLU C 97 5.40 2.76 31.78
N THR C 98 5.81 3.56 30.76
CA THR C 98 6.68 4.74 30.91
C THR C 98 6.14 5.95 30.07
N ALA C 99 7.03 6.67 29.34
CA ALA C 99 6.70 7.85 28.55
C ALA C 99 6.53 7.54 27.04
N ASN C 100 7.53 6.84 26.46
CA ASN C 100 7.52 6.41 25.05
C ASN C 100 7.01 4.97 24.85
N LYS C 101 7.18 4.11 25.89
CA LYS C 101 6.94 2.67 25.77
C LYS C 101 5.92 2.10 26.80
N ILE C 102 5.42 0.88 26.52
CA ILE C 102 4.64 0.02 27.44
C ILE C 102 5.37 -1.33 27.47
N PHE C 103 5.50 -1.94 28.68
CA PHE C 103 6.18 -3.23 28.83
C PHE C 103 5.26 -4.32 29.41
N MET C 104 5.02 -5.38 28.61
CA MET C 104 4.25 -6.55 29.06
C MET C 104 5.22 -7.71 29.25
N VAL C 105 5.31 -8.23 30.49
CA VAL C 105 6.20 -9.34 30.80
C VAL C 105 5.34 -10.59 30.89
N LEU C 106 5.58 -11.53 29.98
CA LEU C 106 4.68 -12.68 29.73
C LEU C 106 5.49 -13.99 29.84
N GLU C 107 4.79 -15.12 30.05
CA GLU C 107 5.33 -16.48 30.16
C GLU C 107 6.16 -16.91 28.93
N TYR C 108 7.19 -17.74 29.14
CA TYR C 108 8.14 -18.25 28.16
C TYR C 108 7.57 -19.53 27.54
N CYS C 109 7.22 -19.45 26.24
CA CYS C 109 6.65 -20.51 25.41
C CYS C 109 7.69 -20.86 24.33
N PRO C 110 8.78 -21.61 24.62
CA PRO C 110 9.80 -21.85 23.57
C PRO C 110 9.41 -22.78 22.43
N GLY C 111 8.29 -23.47 22.57
CA GLY C 111 7.87 -24.58 21.71
C GLY C 111 7.29 -24.20 20.36
N GLY C 112 7.08 -22.90 20.16
CA GLY C 112 6.60 -22.33 18.91
C GLY C 112 5.09 -22.29 18.74
N GLU C 113 4.64 -21.82 17.56
CA GLU C 113 3.23 -21.72 17.18
C GLU C 113 2.67 -23.11 16.91
N LEU C 114 1.36 -23.30 17.18
CA LEU C 114 0.67 -24.51 16.73
C LEU C 114 0.57 -24.49 15.19
N PHE C 115 0.48 -23.26 14.59
CA PHE C 115 0.51 -23.10 13.13
C PHE C 115 1.75 -23.77 12.53
N ASP C 116 2.96 -23.38 13.02
CA ASP C 116 4.25 -23.89 12.57
C ASP C 116 4.40 -25.40 12.81
N TYR C 117 3.76 -25.89 13.88
CA TYR C 117 3.72 -27.30 14.23
C TYR C 117 2.94 -28.11 13.18
N ILE C 118 1.74 -27.63 12.78
CA ILE C 118 0.90 -28.25 11.74
C ILE C 118 1.61 -28.26 10.36
N ILE C 119 2.06 -27.09 9.87
CA ILE C 119 2.62 -26.94 8.52
C ILE C 119 3.97 -27.70 8.34
N SER C 120 4.63 -28.11 9.45
CA SER C 120 5.87 -28.92 9.42
C SER C 120 5.57 -30.39 9.14
N GLN C 121 4.52 -30.95 9.74
CA GLN C 121 3.97 -32.22 9.30
C GLN C 121 3.03 -31.90 8.11
N ASP C 122 2.18 -32.84 7.68
CA ASP C 122 1.09 -32.44 6.78
C ASP C 122 -0.14 -32.18 7.64
N ARG C 123 -0.57 -33.21 8.38
CA ARG C 123 -1.73 -33.13 9.25
C ARG C 123 -1.45 -33.94 10.49
N LEU C 124 -2.31 -33.85 11.53
CA LEU C 124 -2.18 -34.73 12.70
C LEU C 124 -3.18 -35.89 12.69
N SER C 125 -2.84 -36.95 13.40
CA SER C 125 -3.76 -38.04 13.67
C SER C 125 -4.86 -37.58 14.63
N GLU C 126 -6.05 -38.22 14.54
CA GLU C 126 -7.20 -38.00 15.45
C GLU C 126 -6.75 -38.07 16.90
N GLU C 127 -5.97 -39.11 17.23
CA GLU C 127 -5.46 -39.35 18.57
C GLU C 127 -4.64 -38.13 19.06
N GLU C 128 -3.72 -37.64 18.21
CA GLU C 128 -2.88 -36.47 18.47
C GLU C 128 -3.67 -35.16 18.53
N THR C 129 -4.64 -34.97 17.61
CA THR C 129 -5.44 -33.75 17.56
C THR C 129 -6.24 -33.56 18.85
N ARG C 130 -6.78 -34.66 19.41
CA ARG C 130 -7.54 -34.69 20.67
C ARG C 130 -6.71 -34.20 21.86
N VAL C 131 -5.43 -34.62 21.94
CA VAL C 131 -4.51 -34.24 23.02
C VAL C 131 -4.39 -32.70 23.04
N VAL C 132 -4.22 -32.13 21.84
CA VAL C 132 -4.10 -30.70 21.57
C VAL C 132 -5.44 -29.99 21.80
N PHE C 133 -6.54 -30.57 21.30
CA PHE C 133 -7.86 -29.93 21.27
C PHE C 133 -8.49 -29.80 22.63
N ARG C 134 -8.25 -30.79 23.51
CA ARG C 134 -8.72 -30.79 24.90
C ARG C 134 -8.06 -29.67 25.73
N GLN C 135 -6.85 -29.23 25.36
CA GLN C 135 -6.25 -28.07 26.02
C GLN C 135 -6.85 -26.75 25.48
N ILE C 136 -7.20 -26.72 24.16
CA ILE C 136 -7.92 -25.59 23.58
C ILE C 136 -9.28 -25.43 24.28
N VAL C 137 -10.12 -26.49 24.31
CA VAL C 137 -11.44 -26.47 24.99
C VAL C 137 -11.31 -25.94 26.42
N SER C 138 -10.33 -26.45 27.19
CA SER C 138 -10.06 -26.04 28.57
C SER C 138 -9.88 -24.53 28.73
N ALA C 139 -9.04 -23.90 27.86
CA ALA C 139 -8.72 -22.47 27.92
C ALA C 139 -9.93 -21.59 27.63
N VAL C 140 -10.62 -21.86 26.51
CA VAL C 140 -11.75 -21.09 26.01
C VAL C 140 -12.96 -21.22 26.95
N ALA C 141 -13.24 -22.44 27.47
CA ALA C 141 -14.33 -22.67 28.45
C ALA C 141 -14.16 -21.82 29.70
N TYR C 142 -12.92 -21.61 30.16
CA TYR C 142 -12.60 -20.72 31.27
C TYR C 142 -12.78 -19.25 30.87
N VAL C 143 -12.23 -18.83 29.69
CA VAL C 143 -12.40 -17.48 29.11
C VAL C 143 -13.89 -17.07 29.18
N HIS C 144 -14.78 -17.95 28.70
CA HIS C 144 -16.24 -17.77 28.68
C HIS C 144 -16.84 -17.76 30.08
N SER C 145 -16.33 -18.61 30.99
CA SER C 145 -16.76 -18.65 32.39
C SER C 145 -16.45 -17.34 33.13
N GLN C 146 -15.45 -16.59 32.62
CA GLN C 146 -14.99 -15.32 33.18
C GLN C 146 -15.65 -14.08 32.55
N GLY C 147 -16.56 -14.30 31.60
CA GLY C 147 -17.34 -13.25 30.97
C GLY C 147 -16.81 -12.77 29.63
N TYR C 148 -15.61 -13.23 29.23
CA TYR C 148 -14.95 -12.86 27.97
C TYR C 148 -15.23 -13.82 26.80
N ALA C 149 -14.94 -13.36 25.58
CA ALA C 149 -14.89 -14.17 24.35
C ALA C 149 -13.68 -13.69 23.52
N HIS C 150 -12.73 -14.59 23.21
CA HIS C 150 -11.43 -14.29 22.57
C HIS C 150 -11.53 -13.56 21.17
N ARG C 151 -12.38 -14.09 20.25
CA ARG C 151 -12.75 -13.55 18.93
C ARG C 151 -11.64 -13.58 17.85
N ASP C 152 -10.47 -14.18 18.13
CA ASP C 152 -9.36 -14.29 17.17
C ASP C 152 -8.58 -15.62 17.38
N LEU C 153 -9.32 -16.73 17.58
CA LEU C 153 -8.74 -18.04 17.77
C LEU C 153 -8.26 -18.55 16.42
N LYS C 154 -6.97 -18.84 16.31
CA LYS C 154 -6.31 -19.41 15.13
C LYS C 154 -4.96 -20.05 15.53
N PRO C 155 -4.40 -21.05 14.79
CA PRO C 155 -3.21 -21.77 15.28
C PRO C 155 -1.96 -20.91 15.49
N GLU C 156 -1.96 -19.64 15.00
CA GLU C 156 -0.87 -18.68 15.27
C GLU C 156 -0.97 -18.10 16.69
N ASN C 157 -2.20 -18.04 17.25
CA ASN C 157 -2.48 -17.54 18.60
C ASN C 157 -2.46 -18.63 19.68
N LEU C 158 -1.84 -19.78 19.39
CA LEU C 158 -1.66 -20.81 20.42
C LEU C 158 -0.26 -21.26 20.34
N LEU C 159 0.47 -21.19 21.48
CA LEU C 159 1.92 -21.45 21.54
C LEU C 159 2.22 -22.59 22.47
N PHE C 160 3.35 -23.29 22.30
CA PHE C 160 3.71 -24.41 23.17
C PHE C 160 4.73 -23.95 24.22
N ASP C 161 4.51 -24.29 25.53
CA ASP C 161 5.54 -24.16 26.58
C ASP C 161 6.43 -25.42 26.54
N GLU C 162 7.63 -25.38 27.17
CA GLU C 162 8.73 -26.40 27.09
C GLU C 162 8.32 -27.84 27.46
N TYR C 163 7.12 -28.00 28.02
CA TYR C 163 6.53 -29.28 28.40
C TYR C 163 5.47 -29.75 27.35
N HIS C 164 5.48 -29.15 26.15
CA HIS C 164 4.54 -29.38 25.05
C HIS C 164 3.07 -29.25 25.46
N LYS C 165 2.78 -28.24 26.31
CA LYS C 165 1.41 -27.87 26.68
C LYS C 165 1.08 -26.48 26.12
N LEU C 166 -0.14 -26.31 25.53
CA LEU C 166 -0.54 -25.11 24.78
C LEU C 166 -0.89 -23.90 25.68
N LYS C 167 -0.56 -22.69 25.20
CA LYS C 167 -0.80 -21.43 25.87
C LYS C 167 -1.39 -20.41 24.87
N LEU C 168 -2.67 -20.01 25.11
CA LEU C 168 -3.44 -19.02 24.33
C LEU C 168 -2.85 -17.59 24.46
N ILE C 169 -2.83 -16.83 23.35
CA ILE C 169 -2.28 -15.47 23.31
C ILE C 169 -3.22 -14.50 22.58
N ASP C 170 -2.84 -13.20 22.47
CA ASP C 170 -3.46 -12.16 21.65
C ASP C 170 -4.95 -11.93 21.98
N PHE C 171 -5.21 -11.27 23.14
CA PHE C 171 -6.56 -10.91 23.62
C PHE C 171 -6.93 -9.50 23.20
N GLY C 172 -6.32 -9.06 22.10
CA GLY C 172 -6.45 -7.71 21.54
C GLY C 172 -7.80 -7.41 20.92
N LEU C 173 -8.49 -8.47 20.49
CA LEU C 173 -9.82 -8.37 19.90
C LEU C 173 -10.92 -8.89 20.85
N CYS C 174 -10.53 -9.31 22.08
CA CYS C 174 -11.42 -9.91 23.07
C CYS C 174 -12.54 -8.94 23.53
N ALA C 175 -13.69 -9.51 23.97
CA ALA C 175 -14.83 -8.71 24.43
C ALA C 175 -15.55 -9.40 25.60
N LYS C 176 -16.17 -8.60 26.51
CA LYS C 176 -16.91 -9.07 27.70
C LYS C 176 -18.41 -8.84 27.55
N GLY C 190 -11.35 -10.47 13.91
CA GLY C 190 -10.30 -11.46 13.83
C GLY C 190 -9.66 -11.63 12.47
N ALA C 191 -9.55 -12.90 12.01
CA ALA C 191 -9.12 -13.35 10.68
C ALA C 191 -10.27 -14.09 10.04
N LEU C 192 -10.54 -13.80 8.74
CA LEU C 192 -11.76 -14.21 8.05
C LEU C 192 -11.96 -15.73 7.97
N ALA C 193 -10.90 -16.50 7.59
CA ALA C 193 -10.96 -17.97 7.47
C ALA C 193 -11.50 -18.68 8.72
N TYR C 194 -11.32 -18.04 9.90
CA TYR C 194 -11.74 -18.51 11.22
C TYR C 194 -13.01 -17.81 11.76
N ALA C 195 -13.52 -16.77 11.05
CA ALA C 195 -14.67 -15.95 11.50
C ALA C 195 -16.03 -16.61 11.28
N ALA C 196 -16.83 -16.71 12.35
CA ALA C 196 -18.17 -17.28 12.35
C ALA C 196 -19.11 -16.49 11.43
N PRO C 197 -20.13 -17.12 10.80
CA PRO C 197 -20.94 -16.38 9.81
C PRO C 197 -21.65 -15.17 10.41
N GLU C 198 -22.27 -15.31 11.59
CA GLU C 198 -23.00 -14.24 12.29
C GLU C 198 -22.10 -13.04 12.64
N LEU C 199 -20.80 -13.29 12.83
CA LEU C 199 -19.82 -12.26 13.15
C LEU C 199 -19.53 -11.36 11.93
N ILE C 200 -19.31 -11.98 10.76
CA ILE C 200 -19.08 -11.33 9.49
C ILE C 200 -20.25 -10.40 9.09
N GLN C 201 -21.51 -10.77 9.48
CA GLN C 201 -22.70 -10.07 8.98
CA GLN C 201 -22.82 -10.20 9.14
C GLN C 201 -23.14 -8.88 9.87
N GLY C 202 -22.48 -8.71 11.02
CA GLY C 202 -22.68 -7.58 11.93
C GLY C 202 -23.49 -7.95 13.14
N LYS C 203 -22.89 -8.81 14.01
CA LYS C 203 -23.39 -9.25 15.33
C LYS C 203 -22.16 -9.55 16.23
N GLY C 207 -22.08 -14.19 21.56
CA GLY C 207 -20.69 -13.80 21.38
C GLY C 207 -19.67 -14.92 21.58
N SER C 208 -19.99 -15.88 22.44
CA SER C 208 -19.14 -17.03 22.73
C SER C 208 -19.35 -18.18 21.73
N GLU C 209 -20.41 -18.10 20.89
CA GLU C 209 -20.71 -19.09 19.84
C GLU C 209 -19.73 -18.96 18.68
N ALA C 210 -19.28 -17.72 18.40
CA ALA C 210 -18.26 -17.41 17.40
C ALA C 210 -16.93 -18.09 17.72
N ASP C 211 -16.62 -18.29 19.03
CA ASP C 211 -15.44 -19.04 19.46
C ASP C 211 -15.58 -20.54 19.20
N VAL C 212 -16.79 -21.09 19.40
CA VAL C 212 -17.09 -22.50 19.17
C VAL C 212 -16.92 -22.85 17.69
N TRP C 213 -17.33 -21.95 16.78
CA TRP C 213 -17.13 -22.09 15.34
C TRP C 213 -15.62 -22.08 14.99
N SER C 214 -14.86 -21.09 15.50
CA SER C 214 -13.42 -20.94 15.26
C SER C 214 -12.64 -22.19 15.70
N MET C 215 -13.10 -22.83 16.82
CA MET C 215 -12.55 -24.10 17.31
C MET C 215 -12.87 -25.26 16.35
N GLY C 216 -13.99 -25.15 15.65
CA GLY C 216 -14.39 -26.09 14.61
C GLY C 216 -13.49 -26.00 13.41
N ILE C 217 -13.13 -24.76 13.02
CA ILE C 217 -12.21 -24.50 11.90
C ILE C 217 -10.81 -25.04 12.24
N LEU C 218 -10.37 -24.81 13.49
CA LEU C 218 -9.15 -25.32 14.10
C LEU C 218 -9.11 -26.85 14.12
N LEU C 219 -10.20 -27.51 14.58
CA LEU C 219 -10.32 -28.96 14.63
C LEU C 219 -10.13 -29.59 13.23
N TYR C 220 -10.71 -28.96 12.19
CA TYR C 220 -10.61 -29.43 10.80
C TYR C 220 -9.16 -29.33 10.31
N VAL C 221 -8.50 -28.16 10.49
CA VAL C 221 -7.14 -27.92 9.99
C VAL C 221 -6.11 -28.89 10.64
N LEU C 222 -6.28 -29.19 11.94
CA LEU C 222 -5.44 -30.15 12.63
C LEU C 222 -5.50 -31.51 11.91
N MET C 223 -6.71 -31.97 11.58
CA MET C 223 -6.91 -33.31 11.03
C MET C 223 -6.73 -33.42 9.51
N CYS C 224 -6.77 -32.27 8.76
CA CYS C 224 -6.70 -32.27 7.29
C CYS C 224 -5.42 -31.59 6.74
N GLY C 225 -4.90 -30.61 7.47
CA GLY C 225 -3.75 -29.83 7.05
C GLY C 225 -4.09 -28.76 6.03
N PHE C 226 -5.37 -28.35 5.97
CA PHE C 226 -5.91 -27.28 5.11
C PHE C 226 -7.22 -26.71 5.67
N LEU C 227 -7.59 -25.47 5.26
CA LEU C 227 -8.80 -24.81 5.74
C LEU C 227 -10.08 -25.44 5.15
N PRO C 228 -11.20 -25.55 5.92
CA PRO C 228 -12.45 -26.06 5.33
C PRO C 228 -13.08 -25.08 4.35
N PHE C 229 -12.80 -23.76 4.53
CA PHE C 229 -13.26 -22.65 3.69
C PHE C 229 -12.05 -21.79 3.26
N ASP C 230 -11.66 -21.87 1.97
CA ASP C 230 -10.52 -21.15 1.41
C ASP C 230 -10.82 -20.67 -0.02
N ASP C 231 -10.31 -19.46 -0.38
CA ASP C 231 -10.42 -18.82 -1.69
C ASP C 231 -9.34 -17.72 -1.91
N ASP C 232 -9.40 -17.00 -3.05
CA ASP C 232 -8.48 -15.94 -3.42
C ASP C 232 -8.94 -14.60 -2.82
N THR C 233 -10.14 -14.13 -3.20
CA THR C 233 -10.69 -12.86 -2.72
C THR C 233 -11.49 -13.03 -1.42
N ALA C 234 -11.72 -11.90 -0.68
CA ALA C 234 -12.48 -11.88 0.58
C ALA C 234 -13.97 -12.10 0.37
N ALA C 235 -14.56 -11.50 -0.70
CA ALA C 235 -15.98 -11.58 -1.01
C ALA C 235 -16.37 -13.01 -1.40
N ALA C 236 -15.40 -13.74 -2.01
CA ALA C 236 -15.46 -15.18 -2.31
C ALA C 236 -15.39 -16.04 -1.06
N LEU C 237 -14.56 -15.63 -0.06
CA LEU C 237 -14.37 -16.35 1.19
C LEU C 237 -15.55 -16.16 2.14
N VAL C 238 -16.20 -14.98 2.14
CA VAL C 238 -17.42 -14.71 2.91
C VAL C 238 -18.58 -15.52 2.31
N ALA C 239 -18.67 -15.57 0.97
CA ALA C 239 -19.65 -16.39 0.27
C ALA C 239 -19.60 -17.89 0.65
N LYS C 240 -18.38 -18.47 0.80
CA LYS C 240 -18.22 -19.88 1.15
C LYS C 240 -18.58 -20.21 2.61
N ILE C 241 -18.33 -19.27 3.55
CA ILE C 241 -18.66 -19.38 4.98
C ILE C 241 -20.20 -19.39 5.22
N MET C 242 -20.95 -18.46 4.56
CA MET C 242 -22.40 -18.28 4.73
C MET C 242 -23.24 -19.52 4.38
N ARG C 243 -22.90 -20.21 3.27
CA ARG C 243 -23.56 -21.46 2.86
C ARG C 243 -23.17 -22.62 3.76
N GLY C 244 -21.89 -22.64 4.17
CA GLY C 244 -21.27 -23.75 4.90
C GLY C 244 -20.77 -24.81 3.97
N LYS C 245 -21.11 -26.07 4.27
CA LYS C 245 -20.86 -27.25 3.42
C LYS C 245 -19.41 -27.29 2.90
N TYR C 246 -18.55 -27.83 3.76
CA TYR C 246 -17.11 -28.00 3.58
C TYR C 246 -16.84 -29.42 3.08
N ASP C 247 -15.67 -29.63 2.45
CA ASP C 247 -15.27 -30.98 2.03
C ASP C 247 -14.96 -31.84 3.23
N VAL C 248 -15.33 -33.13 3.14
CA VAL C 248 -15.04 -34.12 4.18
C VAL C 248 -13.97 -35.06 3.61
N PRO C 249 -12.67 -34.87 3.94
CA PRO C 249 -11.65 -35.81 3.45
C PRO C 249 -11.89 -37.26 3.87
N LYS C 250 -11.41 -38.20 3.03
CA LYS C 250 -11.66 -39.63 3.17
C LYS C 250 -11.14 -40.21 4.49
N TRP C 251 -9.95 -39.75 4.94
CA TRP C 251 -9.25 -40.22 6.15
C TRP C 251 -9.93 -39.84 7.50
N LEU C 252 -10.97 -39.00 7.47
CA LEU C 252 -11.73 -38.56 8.64
C LEU C 252 -12.66 -39.67 9.16
N SER C 253 -12.66 -39.89 10.48
CA SER C 253 -13.53 -40.86 11.16
C SER C 253 -14.98 -40.33 11.27
N PRO C 254 -16.01 -41.20 11.28
CA PRO C 254 -17.37 -40.69 11.52
C PRO C 254 -17.58 -39.98 12.86
N SER C 255 -16.77 -40.29 13.89
CA SER C 255 -16.75 -39.59 15.19
C SER C 255 -16.38 -38.10 14.97
N SER C 256 -15.27 -37.86 14.22
CA SER C 256 -14.79 -36.54 13.80
C SER C 256 -15.81 -35.85 12.90
N ILE C 257 -16.31 -36.55 11.87
CA ILE C 257 -17.27 -36.03 10.92
C ILE C 257 -18.51 -35.46 11.66
N LEU C 258 -19.04 -36.22 12.64
CA LEU C 258 -20.19 -35.81 13.47
C LEU C 258 -19.91 -34.53 14.28
N LEU C 259 -18.77 -34.50 15.02
CA LEU C 259 -18.36 -33.33 15.83
C LEU C 259 -18.14 -32.08 14.97
N LEU C 260 -17.52 -32.26 13.78
CA LEU C 260 -17.31 -31.18 12.82
C LEU C 260 -18.61 -30.57 12.35
N GLN C 261 -19.62 -31.40 12.02
CA GLN C 261 -20.96 -30.93 11.65
C GLN C 261 -21.61 -30.14 12.78
N GLN C 262 -21.46 -30.61 14.03
CA GLN C 262 -22.02 -29.99 15.25
C GLN C 262 -21.41 -28.62 15.56
N MET C 263 -20.07 -28.50 15.36
CA MET C 263 -19.29 -27.29 15.59
C MET C 263 -19.35 -26.31 14.41
N LEU C 264 -19.30 -26.82 13.17
CA LEU C 264 -19.32 -25.99 11.95
C LEU C 264 -20.75 -25.78 11.42
N GLN C 265 -21.62 -25.20 12.27
CA GLN C 265 -23.00 -24.88 11.90
C GLN C 265 -23.15 -23.41 11.56
N VAL C 266 -24.04 -23.10 10.62
CA VAL C 266 -24.20 -21.71 10.18
C VAL C 266 -25.09 -20.93 11.16
N ASP C 267 -26.13 -21.61 11.70
CA ASP C 267 -26.99 -21.11 12.76
C ASP C 267 -26.22 -21.21 14.11
N PRO C 268 -26.02 -20.08 14.86
CA PRO C 268 -25.28 -20.18 16.13
C PRO C 268 -26.07 -20.80 17.28
N LYS C 269 -27.41 -20.75 17.20
CA LYS C 269 -28.31 -21.41 18.15
C LYS C 269 -28.21 -22.93 18.00
N LYS C 270 -28.05 -23.42 16.75
CA LYS C 270 -27.87 -24.84 16.41
C LYS C 270 -26.47 -25.36 16.76
N ARG C 271 -25.47 -24.46 16.90
CA ARG C 271 -24.05 -24.73 17.17
C ARG C 271 -23.78 -25.16 18.62
N ILE C 272 -23.17 -26.38 18.80
CA ILE C 272 -23.04 -27.12 20.06
C ILE C 272 -22.49 -26.27 21.19
N SER C 273 -23.16 -26.33 22.34
CA SER C 273 -22.76 -25.55 23.52
C SER C 273 -21.49 -26.10 24.17
N MET C 274 -20.79 -25.24 24.91
CA MET C 274 -19.58 -25.59 25.64
C MET C 274 -19.84 -26.69 26.68
N LYS C 275 -20.99 -26.61 27.38
CA LYS C 275 -21.45 -27.61 28.37
C LYS C 275 -21.47 -29.01 27.75
N ASN C 276 -21.89 -29.12 26.48
CA ASN C 276 -21.95 -30.37 25.71
C ASN C 276 -20.64 -30.71 25.02
N LEU C 277 -19.80 -29.69 24.78
CA LEU C 277 -18.47 -29.87 24.18
C LEU C 277 -17.55 -30.58 25.16
N LEU C 278 -17.50 -30.10 26.40
CA LEU C 278 -16.67 -30.63 27.47
C LEU C 278 -16.75 -32.16 27.63
N ASN C 279 -17.99 -32.71 27.63
CA ASN C 279 -18.25 -34.14 27.83
C ASN C 279 -18.72 -34.87 26.54
N HIS C 280 -18.33 -34.37 25.37
CA HIS C 280 -18.60 -34.98 24.06
C HIS C 280 -17.97 -36.37 24.01
N PRO C 281 -18.60 -37.39 23.34
CA PRO C 281 -17.94 -38.70 23.20
C PRO C 281 -16.63 -38.74 22.39
N TRP C 282 -16.43 -37.82 21.42
CA TRP C 282 -15.15 -37.67 20.72
C TRP C 282 -14.11 -37.09 21.67
N ILE C 283 -14.49 -36.03 22.44
CA ILE C 283 -13.65 -35.45 23.49
C ILE C 283 -13.11 -36.54 24.42
N MET C 284 -14.03 -37.42 24.85
CA MET C 284 -13.85 -38.54 25.76
C MET C 284 -13.09 -39.75 25.18
N GLN C 285 -13.32 -40.07 23.87
CA GLN C 285 -12.97 -41.29 23.12
C GLN C 285 -11.81 -42.12 23.72
N ASP C 286 -10.67 -41.48 24.03
CA ASP C 286 -9.57 -42.17 24.69
C ASP C 286 -9.37 -41.69 26.14
N TYR C 287 -9.44 -40.36 26.37
CA TYR C 287 -9.34 -39.69 27.67
C TYR C 287 -10.67 -39.87 28.44
N ASN C 288 -10.85 -41.00 29.15
CA ASN C 288 -12.14 -41.36 29.76
C ASN C 288 -12.44 -40.56 31.06
N TYR C 289 -12.87 -39.28 30.86
CA TYR C 289 -13.33 -38.23 31.79
C TYR C 289 -13.47 -36.89 31.01
N PRO C 290 -14.41 -35.96 31.32
CA PRO C 290 -14.50 -34.72 30.52
C PRO C 290 -13.34 -33.75 30.75
N VAL C 291 -13.22 -32.73 29.89
CA VAL C 291 -12.17 -31.71 29.96
C VAL C 291 -12.18 -30.97 31.31
N GLU C 292 -11.06 -31.03 32.05
CA GLU C 292 -10.88 -30.24 33.26
C GLU C 292 -10.59 -28.78 32.88
N TRP C 293 -11.64 -27.94 32.89
CA TRP C 293 -11.55 -26.55 32.41
C TRP C 293 -11.22 -25.55 33.52
N GLN C 294 -11.58 -25.86 34.79
CA GLN C 294 -11.40 -24.96 35.93
C GLN C 294 -9.95 -24.67 36.23
N SER C 295 -9.69 -23.41 36.61
CA SER C 295 -8.34 -22.91 36.81
C SER C 295 -7.66 -23.53 38.01
N LYS C 296 -6.40 -23.97 37.82
CA LYS C 296 -5.51 -24.48 38.86
C LYS C 296 -4.57 -23.35 39.37
N ASN C 297 -4.62 -22.16 38.73
CA ASN C 297 -3.85 -20.96 39.09
C ASN C 297 -4.78 -19.93 39.82
N PRO C 298 -4.70 -19.82 41.16
CA PRO C 298 -5.65 -18.96 41.90
C PRO C 298 -5.21 -17.53 42.17
N PHE C 299 -6.19 -16.64 42.41
CA PHE C 299 -5.98 -15.24 42.83
C PHE C 299 -6.00 -15.09 44.36
N ILE C 300 -6.90 -15.82 45.06
CA ILE C 300 -7.05 -15.78 46.52
C ILE C 300 -5.89 -16.48 47.24
N HIS C 301 -5.59 -17.74 46.83
CA HIS C 301 -4.79 -18.73 47.55
C HIS C 301 -3.28 -18.52 47.42
N LEU C 302 -2.68 -18.06 48.52
CA LEU C 302 -1.25 -17.75 48.61
C LEU C 302 -0.45 -18.97 49.07
N ASP C 303 0.76 -19.16 48.49
CA ASP C 303 1.64 -20.31 48.76
C ASP C 303 2.36 -20.14 50.09
N ASP C 304 2.56 -21.29 50.79
CA ASP C 304 3.19 -21.40 52.12
C ASP C 304 4.74 -21.24 52.04
N ASP C 305 5.31 -21.35 50.82
CA ASP C 305 6.76 -21.29 50.55
C ASP C 305 7.21 -19.95 49.91
N CYS C 306 6.29 -19.25 49.20
CA CYS C 306 6.57 -18.05 48.41
C CYS C 306 6.39 -16.76 49.19
N VAL C 307 5.34 -16.69 50.02
CA VAL C 307 5.03 -15.52 50.86
C VAL C 307 6.12 -15.29 51.96
N THR C 308 6.62 -16.35 52.62
CA THR C 308 7.63 -16.15 53.66
C THR C 308 9.05 -15.98 53.06
N GLU C 309 9.25 -16.36 51.78
CA GLU C 309 10.52 -16.16 51.06
C GLU C 309 10.59 -14.76 50.40
N LEU C 310 9.42 -14.13 50.13
CA LEU C 310 9.30 -12.73 49.70
C LEU C 310 9.50 -11.77 50.88
N SER C 311 9.25 -12.25 52.11
CA SER C 311 9.46 -11.52 53.37
C SER C 311 10.95 -11.21 53.65
N VAL C 312 11.89 -12.19 53.49
CA VAL C 312 13.35 -12.04 53.68
C VAL C 312 13.96 -10.95 52.73
N HIS C 313 13.47 -10.85 51.47
CA HIS C 313 14.01 -9.99 50.41
C HIS C 313 13.97 -8.49 50.74
N HIS C 314 12.78 -7.95 51.05
CA HIS C 314 12.59 -6.53 51.35
C HIS C 314 12.83 -6.19 52.83
N ARG C 315 12.45 -7.13 53.74
CA ARG C 315 12.49 -7.13 55.23
C ARG C 315 11.09 -6.99 55.87
N ASN C 316 10.04 -7.39 55.11
CA ASN C 316 8.62 -7.39 55.52
C ASN C 316 8.29 -8.52 56.55
N ASN C 317 6.99 -8.73 56.84
CA ASN C 317 6.47 -9.83 57.67
C ASN C 317 5.48 -10.71 56.85
N ARG C 318 4.49 -11.36 57.51
CA ARG C 318 3.42 -12.14 56.87
C ARG C 318 2.06 -11.41 57.05
N GLN C 319 1.94 -10.58 58.12
CA GLN C 319 0.79 -9.73 58.50
C GLN C 319 0.17 -9.06 57.26
N THR C 320 1.00 -8.31 56.53
CA THR C 320 0.59 -7.48 55.40
C THR C 320 1.60 -7.59 54.21
N MET C 321 2.31 -8.75 54.08
CA MET C 321 2.86 -9.21 52.79
C MET C 321 1.77 -9.99 52.05
N GLU C 322 1.04 -10.88 52.79
CA GLU C 322 -0.14 -11.66 52.36
C GLU C 322 -1.20 -10.78 51.70
N ASP C 323 -1.39 -9.56 52.24
CA ASP C 323 -2.29 -8.55 51.69
C ASP C 323 -1.64 -7.72 50.58
N LEU C 324 -0.30 -7.54 50.63
CA LEU C 324 0.47 -6.78 49.61
C LEU C 324 0.56 -7.54 48.28
N ILE C 325 0.69 -8.88 48.33
CA ILE C 325 0.65 -9.75 47.15
C ILE C 325 -0.76 -9.75 46.55
N SER C 326 -1.80 -9.84 47.43
CA SER C 326 -3.22 -9.88 47.04
C SER C 326 -3.75 -8.57 46.42
N LEU C 327 -2.92 -7.49 46.41
CA LEU C 327 -3.19 -6.23 45.69
C LEU C 327 -3.29 -6.46 44.17
N TRP C 328 -2.49 -7.42 43.63
CA TRP C 328 -2.36 -7.79 42.21
C TRP C 328 -2.26 -6.55 41.29
N GLN C 329 -1.25 -5.72 41.58
CA GLN C 329 -0.98 -4.46 40.87
C GLN C 329 -0.25 -4.67 39.52
N TYR C 330 0.28 -5.90 39.31
CA TYR C 330 1.11 -6.31 38.16
C TYR C 330 2.32 -5.41 38.03
N ASP C 331 3.01 -5.24 39.18
CA ASP C 331 4.29 -4.55 39.33
C ASP C 331 5.38 -5.63 39.56
N HIS C 332 6.52 -5.28 40.20
CA HIS C 332 7.64 -6.22 40.35
C HIS C 332 7.35 -7.35 41.34
N LEU C 333 6.53 -7.06 42.37
CA LEU C 333 6.10 -7.99 43.42
C LEU C 333 5.26 -9.16 42.84
N THR C 334 4.29 -8.84 41.95
CA THR C 334 3.43 -9.79 41.24
C THR C 334 4.25 -10.67 40.29
N ALA C 335 5.22 -10.05 39.58
CA ALA C 335 6.19 -10.75 38.74
C ALA C 335 6.98 -11.78 39.57
N THR C 336 7.61 -11.34 40.67
CA THR C 336 8.47 -12.12 41.57
C THR C 336 7.69 -13.28 42.23
N TYR C 337 6.47 -13.00 42.74
CA TYR C 337 5.62 -14.04 43.33
C TYR C 337 5.29 -15.15 42.34
N LEU C 338 4.70 -14.80 41.18
CA LEU C 338 4.26 -15.75 40.15
C LEU C 338 5.40 -16.59 39.58
N LEU C 339 6.60 -15.97 39.40
CA LEU C 339 7.77 -16.67 38.89
C LEU C 339 8.40 -17.58 39.90
N LEU C 340 8.31 -17.29 41.24
CA LEU C 340 8.77 -18.23 42.30
C LEU C 340 7.86 -19.47 42.37
N LEU C 341 6.54 -19.28 42.14
CA LEU C 341 5.55 -20.33 41.96
C LEU C 341 5.87 -21.23 40.76
N ALA C 342 6.53 -20.70 39.71
CA ALA C 342 7.00 -21.49 38.56
C ALA C 342 8.26 -22.32 38.89
N LYS C 343 9.26 -21.70 39.54
CA LYS C 343 10.53 -22.31 39.98
C LYS C 343 10.27 -23.48 40.94
N LYS C 344 9.32 -23.33 41.89
CA LYS C 344 8.97 -24.40 42.82
C LYS C 344 8.10 -25.49 42.19
N ALA C 345 7.34 -25.13 41.15
CA ALA C 345 6.58 -26.10 40.36
C ALA C 345 7.47 -26.97 39.45
N ARG C 346 8.82 -26.80 39.51
CA ARG C 346 9.72 -27.68 38.76
C ARG C 346 10.70 -28.46 39.64
N GLY C 347 10.74 -28.14 40.94
CA GLY C 347 11.53 -28.89 41.92
C GLY C 347 12.79 -28.19 42.40
N LYS C 348 13.13 -27.08 41.73
CA LYS C 348 14.17 -26.14 42.13
C LYS C 348 13.75 -25.45 43.44
N PRO C 349 14.69 -25.08 44.34
CA PRO C 349 14.29 -24.44 45.59
C PRO C 349 13.70 -23.03 45.47
N VAL C 350 12.66 -22.76 46.29
CA VAL C 350 12.04 -21.45 46.50
C VAL C 350 13.07 -20.51 47.07
N ARG C 351 13.95 -19.97 46.21
CA ARG C 351 14.98 -19.00 46.61
C ARG C 351 15.06 -17.90 45.57
N LEU C 352 15.29 -16.66 46.05
CA LEU C 352 15.61 -15.52 45.18
C LEU C 352 17.15 -15.48 44.95
N ARG C 353 17.65 -14.42 44.26
CA ARG C 353 19.09 -14.21 44.01
C ARG C 353 19.44 -12.73 44.11
N ASP D 23 -6.83 29.90 -3.33
CA ASP D 23 -6.75 28.91 -4.41
C ASP D 23 -6.89 27.48 -3.88
N TYR D 24 -5.75 26.86 -3.51
CA TYR D 24 -5.61 25.74 -2.58
C TYR D 24 -5.35 26.25 -1.14
N ASP D 25 -5.39 27.58 -0.92
CA ASP D 25 -5.05 28.24 0.35
C ASP D 25 -6.03 27.95 1.47
N GLU D 26 -7.33 27.89 1.18
CA GLU D 26 -8.34 27.53 2.19
C GLU D 26 -8.36 26.02 2.41
N LEU D 27 -8.06 25.24 1.36
CA LEU D 27 -7.94 23.78 1.45
C LEU D 27 -6.76 23.37 2.35
N LEU D 28 -5.56 23.95 2.11
CA LEU D 28 -4.33 23.63 2.84
C LEU D 28 -4.33 24.11 4.32
N LYS D 29 -5.36 24.89 4.75
CA LYS D 29 -5.65 25.19 6.16
C LYS D 29 -6.16 23.93 6.87
N TYR D 30 -6.82 23.01 6.12
CA TYR D 30 -7.52 21.84 6.68
C TYR D 30 -7.00 20.48 6.21
N TYR D 31 -6.46 20.37 4.99
CA TYR D 31 -6.01 19.09 4.42
C TYR D 31 -4.52 19.13 4.00
N GLU D 32 -3.80 18.05 4.30
CA GLU D 32 -2.42 17.83 3.89
C GLU D 32 -2.47 16.92 2.66
N LEU D 33 -2.30 17.50 1.45
CA LEU D 33 -2.53 16.81 0.18
C LEU D 33 -1.54 15.68 -0.10
N HIS D 34 -1.97 14.69 -0.90
CA HIS D 34 -1.21 13.49 -1.27
C HIS D 34 -1.35 13.14 -2.77
N GLU D 35 -0.96 11.90 -3.12
CA GLU D 35 -0.98 11.29 -4.45
C GLU D 35 -2.26 11.54 -5.26
N THR D 36 -2.12 11.92 -6.55
CA THR D 36 -3.26 12.03 -7.47
C THR D 36 -3.58 10.62 -8.01
N ILE D 37 -4.89 10.29 -8.17
CA ILE D 37 -5.31 8.93 -8.51
C ILE D 37 -6.22 8.86 -9.75
N GLY D 38 -6.93 9.95 -10.03
CA GLY D 38 -7.93 10.01 -11.09
C GLY D 38 -7.81 11.19 -12.03
N THR D 39 -6.63 11.35 -12.69
CA THR D 39 -6.32 12.42 -13.66
C THR D 39 -7.24 12.30 -14.89
N GLY D 40 -8.39 12.93 -14.78
CA GLY D 40 -9.41 12.92 -15.83
C GLY D 40 -10.08 14.26 -15.99
N GLY D 41 -9.55 15.06 -16.93
CA GLY D 41 -10.10 16.33 -17.39
C GLY D 41 -10.58 17.32 -16.34
N PHE D 42 -11.91 17.33 -16.07
CA PHE D 42 -12.58 18.28 -15.18
C PHE D 42 -12.37 17.91 -13.70
N ALA D 43 -12.87 16.73 -13.26
CA ALA D 43 -12.78 16.27 -11.88
C ALA D 43 -11.57 15.37 -11.68
N LYS D 44 -10.54 15.94 -11.04
CA LYS D 44 -9.29 15.30 -10.64
C LYS D 44 -9.41 14.85 -9.21
N VAL D 45 -9.06 13.61 -8.92
CA VAL D 45 -9.15 13.15 -7.55
C VAL D 45 -7.76 13.03 -6.96
N LYS D 46 -7.47 13.88 -5.95
CA LYS D 46 -6.24 13.81 -5.16
C LYS D 46 -6.56 13.15 -3.84
N LEU D 47 -5.64 12.33 -3.34
CA LEU D 47 -5.70 11.81 -1.97
C LEU D 47 -5.34 12.97 -1.02
N ALA D 48 -5.73 12.89 0.27
CA ALA D 48 -5.43 13.91 1.30
C ALA D 48 -5.40 13.32 2.73
N CYS D 49 -4.79 14.05 3.68
CA CYS D 49 -4.93 13.73 5.10
C CYS D 49 -5.65 14.88 5.79
N HIS D 50 -6.79 14.60 6.47
CA HIS D 50 -7.46 15.56 7.35
C HIS D 50 -6.48 15.91 8.46
N ILE D 51 -6.20 17.23 8.66
CA ILE D 51 -5.20 17.72 9.59
C ILE D 51 -5.56 17.35 11.03
N LEU D 52 -6.81 17.63 11.45
CA LEU D 52 -7.23 17.41 12.82
C LEU D 52 -7.30 15.91 13.22
N THR D 53 -8.21 15.13 12.60
CA THR D 53 -8.47 13.73 12.95
C THR D 53 -7.31 12.78 12.59
N GLY D 54 -6.58 13.11 11.52
CA GLY D 54 -5.56 12.24 10.95
C GLY D 54 -6.11 11.19 9.99
N GLU D 55 -7.42 11.28 9.69
CA GLU D 55 -8.15 10.33 8.83
C GLU D 55 -7.94 10.59 7.35
N MET D 56 -7.89 9.50 6.56
CA MET D 56 -7.70 9.56 5.12
C MET D 56 -8.96 9.97 4.36
N VAL D 57 -8.80 10.93 3.46
CA VAL D 57 -9.91 11.60 2.79
C VAL D 57 -9.61 11.71 1.28
N ALA D 58 -10.62 11.69 0.40
CA ALA D 58 -10.39 11.89 -1.04
C ALA D 58 -11.00 13.20 -1.51
N ILE D 59 -10.16 14.04 -2.16
CA ILE D 59 -10.62 15.34 -2.64
C ILE D 59 -10.80 15.35 -4.15
N LYS D 60 -12.06 15.64 -4.58
CA LYS D 60 -12.46 15.87 -5.97
C LYS D 60 -12.28 17.39 -6.23
N ILE D 61 -11.43 17.72 -7.22
CA ILE D 61 -11.07 19.10 -7.61
C ILE D 61 -11.66 19.39 -9.02
N MET D 62 -12.67 20.30 -9.12
CA MET D 62 -13.21 20.70 -10.43
C MET D 62 -12.72 22.10 -10.78
N ASP D 63 -12.60 22.43 -12.11
CA ASP D 63 -12.34 23.82 -12.51
C ASP D 63 -13.69 24.48 -12.81
N LYS D 64 -13.95 25.68 -12.23
CA LYS D 64 -15.25 26.37 -12.27
C LYS D 64 -15.63 26.83 -13.67
N ASN D 65 -14.65 27.34 -14.44
CA ASN D 65 -14.88 27.91 -15.77
C ASN D 65 -14.81 26.85 -16.89
N THR D 66 -13.77 25.98 -16.85
CA THR D 66 -13.44 24.98 -17.88
C THR D 66 -14.54 23.91 -18.04
N LEU D 67 -15.14 23.45 -16.91
CA LEU D 67 -16.01 22.27 -16.87
C LEU D 67 -17.42 22.49 -17.53
N GLY D 68 -17.88 23.74 -17.57
CA GLY D 68 -18.93 24.21 -18.50
C GLY D 68 -20.36 23.76 -18.27
N SER D 69 -20.79 22.69 -19.01
CA SER D 69 -22.10 22.01 -18.85
C SER D 69 -22.06 20.83 -17.83
N ASP D 70 -20.86 20.58 -17.26
CA ASP D 70 -20.66 19.71 -16.10
C ASP D 70 -20.68 20.53 -14.77
N LEU D 71 -21.01 21.84 -14.82
CA LEU D 71 -21.26 22.66 -13.63
C LEU D 71 -22.60 22.27 -12.94
N PRO D 72 -23.72 22.05 -13.67
CA PRO D 72 -24.96 21.64 -12.98
C PRO D 72 -24.95 20.21 -12.48
N ARG D 73 -24.13 19.32 -13.09
CA ARG D 73 -23.94 17.93 -12.62
C ARG D 73 -23.32 17.90 -11.22
N ILE D 74 -22.37 18.83 -10.96
CA ILE D 74 -21.69 19.09 -9.68
C ILE D 74 -22.67 19.61 -8.63
N LYS D 75 -23.55 20.56 -9.00
CA LYS D 75 -24.54 21.16 -8.11
C LYS D 75 -25.65 20.16 -7.73
N THR D 76 -26.10 19.37 -8.71
CA THR D 76 -27.07 18.26 -8.58
C THR D 76 -26.53 17.14 -7.61
N GLU D 77 -25.23 16.82 -7.72
CA GLU D 77 -24.53 15.84 -6.88
C GLU D 77 -24.48 16.30 -5.43
N ILE D 78 -23.86 17.49 -5.19
CA ILE D 78 -23.70 18.14 -3.88
C ILE D 78 -25.05 18.20 -3.12
N GLU D 79 -26.11 18.70 -3.77
CA GLU D 79 -27.47 18.76 -3.20
C GLU D 79 -27.96 17.38 -2.67
N ALA D 80 -27.81 16.31 -3.48
CA ALA D 80 -28.24 14.96 -3.14
C ALA D 80 -27.41 14.36 -2.02
N LEU D 81 -26.06 14.52 -2.09
CA LEU D 81 -25.13 14.01 -1.10
C LEU D 81 -25.29 14.69 0.28
N LYS D 82 -25.68 15.98 0.29
CA LYS D 82 -25.98 16.76 1.52
C LYS D 82 -27.17 16.19 2.29
N ASN D 83 -28.12 15.55 1.60
CA ASN D 83 -29.38 15.04 2.13
C ASN D 83 -29.40 13.52 2.26
N LEU D 84 -28.51 12.81 1.51
CA LEU D 84 -28.38 11.36 1.62
C LEU D 84 -27.24 10.96 2.55
N ARG D 85 -27.59 10.15 3.58
CA ARG D 85 -26.64 9.62 4.54
C ARG D 85 -26.84 8.12 4.75
N HIS D 86 -25.81 7.32 4.41
CA HIS D 86 -25.98 5.88 4.43
C HIS D 86 -24.63 5.19 4.46
N GLN D 87 -24.58 4.01 5.11
CA GLN D 87 -23.39 3.16 5.23
C GLN D 87 -22.83 2.65 3.87
N HIS D 88 -23.68 2.57 2.81
CA HIS D 88 -23.29 2.13 1.47
C HIS D 88 -23.33 3.24 0.42
N ILE D 89 -23.35 4.53 0.87
CA ILE D 89 -23.21 5.72 0.03
C ILE D 89 -21.93 6.44 0.43
N CYS D 90 -21.03 6.70 -0.54
CA CYS D 90 -19.77 7.42 -0.32
C CYS D 90 -20.04 8.80 0.26
N GLN D 91 -19.68 9.00 1.54
CA GLN D 91 -19.99 10.19 2.33
C GLN D 91 -19.30 11.45 1.83
N LEU D 92 -20.07 12.55 1.75
CA LEU D 92 -19.60 13.93 1.54
C LEU D 92 -19.35 14.53 2.91
N TYR D 93 -18.11 15.02 3.16
CA TYR D 93 -17.70 15.60 4.43
C TYR D 93 -17.65 17.13 4.38
N HIS D 94 -17.05 17.69 3.34
CA HIS D 94 -16.74 19.10 3.25
C HIS D 94 -16.93 19.58 1.80
N VAL D 95 -17.62 20.72 1.62
CA VAL D 95 -17.67 21.43 0.34
C VAL D 95 -16.92 22.76 0.51
N LEU D 96 -15.93 23.03 -0.36
CA LEU D 96 -15.01 24.18 -0.28
C LEU D 96 -14.88 24.87 -1.66
N GLU D 97 -15.43 26.09 -1.79
CA GLU D 97 -15.68 26.75 -3.08
C GLU D 97 -14.90 28.08 -3.27
N THR D 98 -13.70 27.99 -3.88
CA THR D 98 -12.94 29.20 -4.26
C THR D 98 -13.48 29.74 -5.59
N ALA D 99 -12.83 30.77 -6.19
CA ALA D 99 -13.31 31.42 -7.41
C ALA D 99 -13.33 30.51 -8.66
N ASN D 100 -12.21 29.83 -8.94
CA ASN D 100 -12.05 28.97 -10.12
C ASN D 100 -12.13 27.46 -9.78
N LYS D 101 -12.50 27.11 -8.53
CA LYS D 101 -12.55 25.72 -8.04
C LYS D 101 -13.79 25.40 -7.19
N ILE D 102 -14.24 24.16 -7.24
CA ILE D 102 -15.15 23.56 -6.26
C ILE D 102 -14.46 22.30 -5.77
N PHE D 103 -14.21 22.24 -4.46
CA PHE D 103 -13.66 21.06 -3.82
C PHE D 103 -14.77 20.31 -3.08
N MET D 104 -14.81 18.99 -3.30
CA MET D 104 -15.69 18.09 -2.60
C MET D 104 -14.78 17.12 -1.84
N VAL D 105 -14.95 17.03 -0.51
CA VAL D 105 -14.15 16.15 0.33
C VAL D 105 -14.98 14.96 0.67
N LEU D 106 -14.56 13.79 0.18
CA LEU D 106 -15.39 12.57 0.15
C LEU D 106 -14.62 11.43 0.83
N GLU D 107 -15.34 10.37 1.23
CA GLU D 107 -14.83 9.16 1.88
C GLU D 107 -13.74 8.43 1.05
N TYR D 108 -12.78 7.79 1.73
CA TYR D 108 -11.64 7.04 1.16
C TYR D 108 -12.06 5.60 0.80
N CYS D 109 -12.08 5.28 -0.50
CA CYS D 109 -12.45 3.97 -1.08
C CYS D 109 -11.21 3.35 -1.78
N PRO D 110 -10.19 2.82 -1.06
CA PRO D 110 -8.98 2.35 -1.75
C PRO D 110 -9.13 1.04 -2.55
N GLY D 111 -10.25 0.34 -2.39
CA GLY D 111 -10.46 -1.00 -2.95
C GLY D 111 -10.75 -1.11 -4.44
N GLY D 112 -10.92 0.03 -5.11
CA GLY D 112 -11.16 0.10 -6.55
C GLY D 112 -12.61 0.02 -6.99
N GLU D 113 -12.82 0.09 -8.32
CA GLU D 113 -14.13 -0.02 -8.96
C GLU D 113 -14.63 -1.44 -8.90
N LEU D 114 -15.96 -1.63 -8.82
CA LEU D 114 -16.55 -2.96 -9.00
C LEU D 114 -16.35 -3.42 -10.47
N PHE D 115 -16.33 -2.45 -11.42
CA PHE D 115 -15.99 -2.71 -12.82
C PHE D 115 -14.65 -3.43 -12.94
N ASP D 116 -13.57 -2.82 -12.40
CA ASP D 116 -12.20 -3.35 -12.42
C ASP D 116 -12.10 -4.70 -11.70
N TYR D 117 -12.92 -4.91 -10.66
CA TYR D 117 -13.00 -6.14 -9.90
C TYR D 117 -13.55 -7.29 -10.77
N ILE D 118 -14.66 -7.03 -11.52
CA ILE D 118 -15.26 -8.00 -12.47
C ILE D 118 -14.28 -8.35 -13.61
N ILE D 119 -13.76 -7.35 -14.35
CA ILE D 119 -12.95 -7.56 -15.55
C ILE D 119 -11.58 -8.22 -15.24
N SER D 120 -11.13 -8.21 -13.96
CA SER D 120 -9.88 -8.87 -13.53
C SER D 120 -10.06 -10.36 -13.43
N GLN D 121 -11.27 -10.78 -13.04
CA GLN D 121 -11.49 -12.21 -12.87
C GLN D 121 -12.52 -12.76 -13.83
N ASP D 122 -12.72 -14.09 -13.77
CA ASP D 122 -13.83 -14.75 -14.43
C ASP D 122 -15.16 -14.19 -13.90
N ARG D 123 -16.25 -14.55 -14.56
CA ARG D 123 -17.63 -14.35 -14.10
C ARG D 123 -17.81 -14.78 -12.62
N LEU D 124 -18.28 -13.87 -11.73
CA LEU D 124 -18.42 -14.15 -10.28
C LEU D 124 -19.41 -15.26 -9.98
N SER D 125 -19.16 -16.08 -8.93
CA SER D 125 -20.10 -17.10 -8.50
C SER D 125 -21.38 -16.47 -7.93
N GLU D 126 -22.51 -17.19 -8.02
CA GLU D 126 -23.80 -16.81 -7.44
C GLU D 126 -23.63 -16.39 -5.98
N GLU D 127 -22.90 -17.22 -5.21
CA GLU D 127 -22.65 -17.02 -3.79
C GLU D 127 -21.96 -15.67 -3.55
N GLU D 128 -20.91 -15.37 -4.37
CA GLU D 128 -20.13 -14.13 -4.32
C GLU D 128 -20.94 -12.92 -4.80
N THR D 129 -21.73 -13.07 -5.90
CA THR D 129 -22.52 -11.98 -6.48
C THR D 129 -23.53 -11.48 -5.46
N ARG D 130 -24.17 -12.39 -4.70
CA ARG D 130 -25.16 -12.08 -3.65
C ARG D 130 -24.56 -11.20 -2.53
N VAL D 131 -23.33 -11.48 -2.10
CA VAL D 131 -22.63 -10.74 -1.06
C VAL D 131 -22.52 -9.26 -1.48
N VAL D 132 -22.14 -9.06 -2.75
CA VAL D 132 -21.99 -7.77 -3.41
C VAL D 132 -23.37 -7.12 -3.65
N PHE D 133 -24.34 -7.90 -4.16
CA PHE D 133 -25.65 -7.42 -4.63
C PHE D 133 -26.55 -6.93 -3.50
N ARG D 134 -26.43 -7.55 -2.30
CA ARG D 134 -27.18 -7.17 -1.11
C ARG D 134 -26.73 -5.81 -0.60
N GLN D 135 -25.50 -5.40 -0.94
CA GLN D 135 -24.97 -4.09 -0.59
C GLN D 135 -25.53 -3.04 -1.56
N ILE D 136 -25.62 -3.40 -2.85
CA ILE D 136 -26.27 -2.56 -3.86
C ILE D 136 -27.73 -2.32 -3.46
N VAL D 137 -28.55 -3.39 -3.24
CA VAL D 137 -29.98 -3.28 -2.86
C VAL D 137 -30.15 -2.31 -1.69
N SER D 138 -29.32 -2.47 -0.62
CA SER D 138 -29.35 -1.65 0.58
C SER D 138 -29.24 -0.14 0.26
N ALA D 139 -28.28 0.25 -0.60
CA ALA D 139 -27.99 1.65 -0.92
C ALA D 139 -29.14 2.30 -1.68
N VAL D 140 -29.61 1.63 -2.77
CA VAL D 140 -30.62 2.11 -3.69
C VAL D 140 -32.00 2.16 -3.01
N ALA D 141 -32.35 1.14 -2.19
CA ALA D 141 -33.59 1.14 -1.41
C ALA D 141 -33.71 2.37 -0.51
N TYR D 142 -32.59 2.80 0.10
CA TYR D 142 -32.53 4.02 0.90
C TYR D 142 -32.65 5.27 0.01
N VAL D 143 -31.87 5.35 -1.10
CA VAL D 143 -31.93 6.43 -2.12
C VAL D 143 -33.43 6.74 -2.46
N HIS D 144 -34.20 5.68 -2.77
CA HIS D 144 -35.61 5.73 -3.12
C HIS D 144 -36.48 6.12 -1.94
N SER D 145 -36.15 5.63 -0.73
CA SER D 145 -36.86 5.99 0.50
C SER D 145 -36.74 7.49 0.82
N GLN D 146 -35.69 8.13 0.28
CA GLN D 146 -35.36 9.55 0.46
C GLN D 146 -35.90 10.47 -0.66
N GLY D 147 -36.59 9.88 -1.64
CA GLY D 147 -37.25 10.60 -2.72
C GLY D 147 -36.47 10.69 -4.01
N TYR D 148 -35.20 10.25 -4.00
CA TYR D 148 -34.30 10.23 -5.15
C TYR D 148 -34.32 8.95 -5.96
N ALA D 149 -33.82 9.03 -7.20
CA ALA D 149 -33.52 7.90 -8.06
C ALA D 149 -32.16 8.19 -8.77
N HIS D 150 -31.15 7.32 -8.60
CA HIS D 150 -29.76 7.52 -9.05
C HIS D 150 -29.60 7.77 -10.58
N ARG D 151 -30.20 6.91 -11.43
CA ARG D 151 -30.33 7.00 -12.91
C ARG D 151 -29.01 6.74 -13.70
N ASP D 152 -27.92 6.35 -13.03
CA ASP D 152 -26.62 6.04 -13.65
C ASP D 152 -25.87 4.93 -12.88
N LEU D 153 -26.60 3.87 -12.46
CA LEU D 153 -26.04 2.75 -11.74
C LEU D 153 -25.31 1.88 -12.76
N LYS D 154 -24.03 1.66 -12.52
CA LYS D 154 -23.14 0.83 -13.34
C LYS D 154 -21.88 0.46 -12.51
N PRO D 155 -21.16 -0.65 -12.81
CA PRO D 155 -20.08 -1.09 -11.91
C PRO D 155 -18.91 -0.11 -11.75
N GLU D 156 -18.83 0.94 -12.58
CA GLU D 156 -17.84 2.03 -12.41
C GLU D 156 -18.24 2.98 -11.28
N ASN D 157 -19.57 3.13 -11.03
CA ASN D 157 -20.13 4.01 -9.98
C ASN D 157 -20.30 3.34 -8.63
N LEU D 158 -19.66 2.19 -8.42
CA LEU D 158 -19.69 1.51 -7.15
C LEU D 158 -18.25 1.14 -6.77
N LEU D 159 -17.72 1.69 -5.65
CA LEU D 159 -16.30 1.53 -5.23
C LEU D 159 -16.16 0.75 -3.94
N PHE D 160 -15.03 0.09 -3.71
CA PHE D 160 -14.81 -0.67 -2.49
C PHE D 160 -14.04 0.12 -1.48
N ASP D 161 -14.46 0.09 -0.21
CA ASP D 161 -13.65 0.75 0.82
C ASP D 161 -12.51 -0.18 1.29
N GLU D 162 -11.79 0.25 2.31
CA GLU D 162 -10.68 -0.44 2.93
C GLU D 162 -11.06 -1.75 3.68
N TYR D 163 -12.36 -1.95 3.97
CA TYR D 163 -12.93 -3.15 4.57
C TYR D 163 -13.71 -3.93 3.51
N HIS D 164 -13.41 -3.67 2.21
CA HIS D 164 -14.08 -4.24 1.01
C HIS D 164 -15.62 -4.09 1.04
N LYS D 165 -16.14 -2.98 1.57
CA LYS D 165 -17.59 -2.70 1.55
C LYS D 165 -17.91 -1.73 0.41
N LEU D 166 -19.01 -1.93 -0.32
CA LEU D 166 -19.30 -1.08 -1.48
C LEU D 166 -19.81 0.32 -1.07
N LYS D 167 -19.48 1.30 -1.90
CA LYS D 167 -19.83 2.70 -1.78
C LYS D 167 -20.35 3.21 -3.12
N LEU D 168 -21.64 3.64 -3.17
CA LEU D 168 -22.29 4.25 -4.35
C LEU D 168 -21.71 5.66 -4.62
N ILE D 169 -21.53 6.00 -5.91
CA ILE D 169 -20.83 7.21 -6.38
C ILE D 169 -21.67 7.96 -7.45
N ASP D 170 -21.32 9.23 -7.74
CA ASP D 170 -21.80 9.98 -8.91
C ASP D 170 -23.32 10.14 -9.02
N PHE D 171 -23.81 11.16 -8.30
CA PHE D 171 -25.23 11.53 -8.25
C PHE D 171 -25.51 12.71 -9.18
N GLY D 172 -24.67 12.85 -10.20
CA GLY D 172 -24.75 13.94 -11.17
C GLY D 172 -26.04 13.93 -11.95
N LEU D 173 -26.51 12.73 -12.32
CA LEU D 173 -27.72 12.48 -13.12
C LEU D 173 -28.97 12.17 -12.25
N CYS D 174 -28.83 12.15 -10.90
CA CYS D 174 -29.92 11.77 -9.99
C CYS D 174 -31.09 12.74 -10.02
N ALA D 175 -32.30 12.28 -9.65
CA ALA D 175 -33.49 13.12 -9.66
C ALA D 175 -34.53 12.70 -8.63
N LYS D 176 -35.52 13.57 -8.38
CA LYS D 176 -36.69 13.31 -7.55
C LYS D 176 -37.91 12.96 -8.44
N PRO D 177 -38.24 11.66 -8.65
CA PRO D 177 -39.45 11.32 -9.43
C PRO D 177 -40.75 12.05 -9.04
N LYS D 178 -41.03 12.20 -7.73
CA LYS D 178 -42.26 12.84 -7.27
C LYS D 178 -42.04 14.33 -6.91
N GLY D 179 -41.02 14.92 -7.52
CA GLY D 179 -40.58 16.30 -7.30
C GLY D 179 -40.44 17.13 -8.56
N ASN D 180 -39.68 18.24 -8.44
CA ASN D 180 -39.57 19.23 -9.52
C ASN D 180 -38.65 18.75 -10.64
N LYS D 181 -39.02 19.11 -11.91
CA LYS D 181 -38.34 18.77 -13.18
C LYS D 181 -36.81 18.87 -13.14
N GLY D 190 -27.86 8.46 -18.36
CA GLY D 190 -26.83 7.55 -17.87
C GLY D 190 -25.90 7.02 -18.94
N ALA D 191 -25.68 5.69 -18.94
CA ALA D 191 -25.02 4.91 -20.00
C ALA D 191 -26.06 3.94 -20.57
N LEU D 192 -26.09 3.78 -21.90
CA LEU D 192 -27.15 3.08 -22.62
C LEU D 192 -27.33 1.60 -22.23
N ALA D 193 -26.24 0.83 -22.15
CA ALA D 193 -26.25 -0.61 -21.80
C ALA D 193 -26.99 -0.91 -20.51
N TYR D 194 -27.02 0.09 -19.57
CA TYR D 194 -27.67 0.03 -18.25
C TYR D 194 -29.03 0.75 -18.18
N ALA D 195 -29.42 1.47 -19.26
CA ALA D 195 -30.62 2.32 -19.26
C ALA D 195 -31.90 1.51 -19.47
N ALA D 196 -32.89 1.69 -18.57
CA ALA D 196 -34.21 1.08 -18.68
C ALA D 196 -34.96 1.48 -19.95
N PRO D 197 -35.83 0.62 -20.53
CA PRO D 197 -36.44 0.97 -21.83
C PRO D 197 -37.25 2.26 -21.79
N GLU D 198 -38.10 2.43 -20.76
CA GLU D 198 -38.95 3.61 -20.58
C GLU D 198 -38.15 4.92 -20.46
N LEU D 199 -36.92 4.82 -19.94
CA LEU D 199 -36.01 5.96 -19.78
C LEU D 199 -35.49 6.47 -21.12
N ILE D 200 -35.05 5.54 -21.99
CA ILE D 200 -34.57 5.80 -23.34
C ILE D 200 -35.62 6.58 -24.17
N GLN D 201 -36.93 6.40 -23.89
CA GLN D 201 -38.02 7.09 -24.60
C GLN D 201 -38.65 8.30 -23.83
N GLY D 202 -38.47 8.36 -22.52
CA GLY D 202 -39.03 9.41 -21.68
C GLY D 202 -40.10 8.94 -20.73
N LYS D 203 -41.40 9.11 -21.12
CA LYS D 203 -42.66 8.64 -20.47
C LYS D 203 -42.84 9.12 -19.01
N SER D 204 -44.09 9.56 -18.63
CA SER D 204 -44.42 10.02 -17.26
C SER D 204 -44.12 8.92 -16.20
N TYR D 205 -42.89 8.99 -15.63
CA TYR D 205 -42.23 7.91 -14.89
C TYR D 205 -42.30 8.06 -13.37
N LEU D 206 -42.56 6.93 -12.66
CA LEU D 206 -42.41 6.80 -11.19
C LEU D 206 -40.88 6.64 -10.82
N GLY D 207 -40.04 6.52 -11.86
CA GLY D 207 -38.63 6.90 -11.87
C GLY D 207 -37.65 5.98 -11.18
N SER D 208 -38.11 5.32 -10.12
CA SER D 208 -37.32 4.39 -9.35
C SER D 208 -37.31 2.96 -9.95
N GLU D 209 -38.19 2.69 -10.94
CA GLU D 209 -38.26 1.42 -11.67
C GLU D 209 -37.07 1.25 -12.59
N ALA D 210 -36.57 2.37 -13.14
CA ALA D 210 -35.37 2.43 -13.98
C ALA D 210 -34.11 1.98 -13.23
N ASP D 211 -34.08 2.23 -11.90
CA ASP D 211 -32.99 1.73 -11.06
C ASP D 211 -33.07 0.22 -10.84
N VAL D 212 -34.29 -0.32 -10.70
CA VAL D 212 -34.54 -1.75 -10.52
C VAL D 212 -34.07 -2.53 -11.76
N TRP D 213 -34.32 -1.98 -12.96
CA TRP D 213 -33.79 -2.54 -14.22
C TRP D 213 -32.25 -2.52 -14.28
N SER D 214 -31.59 -1.35 -13.96
CA SER D 214 -30.12 -1.18 -13.97
C SER D 214 -29.44 -2.11 -12.95
N MET D 215 -30.15 -2.49 -11.89
CA MET D 215 -29.67 -3.50 -10.95
C MET D 215 -29.77 -4.91 -11.54
N GLY D 216 -30.75 -5.10 -12.45
CA GLY D 216 -30.92 -6.32 -13.22
C GLY D 216 -29.79 -6.53 -14.20
N ILE D 217 -29.37 -5.43 -14.88
CA ILE D 217 -28.24 -5.44 -15.82
C ILE D 217 -26.94 -5.74 -15.09
N LEU D 218 -26.76 -5.13 -13.92
CA LEU D 218 -25.65 -5.33 -12.99
C LEU D 218 -25.59 -6.76 -12.49
N LEU D 219 -26.73 -7.33 -12.04
CA LEU D 219 -26.84 -8.71 -11.56
C LEU D 219 -26.38 -9.71 -12.62
N TYR D 220 -26.75 -9.48 -13.89
CA TYR D 220 -26.38 -10.34 -15.01
C TYR D 220 -24.88 -10.27 -15.26
N VAL D 221 -24.28 -9.07 -15.36
CA VAL D 221 -22.85 -8.90 -15.65
C VAL D 221 -21.95 -9.53 -14.56
N LEU D 222 -22.35 -9.42 -13.28
CA LEU D 222 -21.65 -10.05 -12.18
C LEU D 222 -21.55 -11.56 -12.43
N MET D 223 -22.67 -12.20 -12.79
CA MET D 223 -22.75 -13.66 -12.93
C MET D 223 -22.29 -14.23 -14.28
N CYS D 224 -22.21 -13.39 -15.35
CA CYS D 224 -21.85 -13.84 -16.71
C CYS D 224 -20.49 -13.28 -17.20
N GLY D 225 -20.14 -12.08 -16.75
CA GLY D 225 -18.94 -11.38 -17.18
C GLY D 225 -19.10 -10.69 -18.53
N PHE D 226 -20.37 -10.44 -18.95
CA PHE D 226 -20.74 -9.71 -20.18
C PHE D 226 -22.15 -9.09 -20.07
N LEU D 227 -22.44 -8.08 -20.89
CA LEU D 227 -23.74 -7.41 -20.88
C LEU D 227 -24.86 -8.29 -21.46
N PRO D 228 -26.10 -8.23 -20.90
CA PRO D 228 -27.21 -9.00 -21.51
C PRO D 228 -27.69 -8.43 -22.85
N PHE D 229 -27.45 -7.13 -23.06
CA PHE D 229 -27.76 -6.34 -24.27
C PHE D 229 -26.49 -5.58 -24.73
N ASP D 230 -25.87 -6.03 -25.85
CA ASP D 230 -24.65 -5.45 -26.41
C ASP D 230 -24.68 -5.48 -27.95
N ASP D 231 -24.15 -4.41 -28.60
CA ASP D 231 -24.03 -4.26 -30.06
C ASP D 231 -22.93 -3.23 -30.46
N ASP D 232 -22.82 -2.96 -31.79
CA ASP D 232 -21.84 -2.02 -32.37
C ASP D 232 -22.37 -0.59 -32.33
N THR D 233 -23.52 -0.32 -32.98
CA THR D 233 -24.15 1.00 -33.00
C THR D 233 -25.15 1.21 -31.85
N ALA D 234 -25.49 2.48 -31.55
CA ALA D 234 -26.44 2.85 -30.49
C ALA D 234 -27.89 2.51 -30.85
N ALA D 235 -28.29 2.72 -32.14
CA ALA D 235 -29.63 2.45 -32.63
C ALA D 235 -29.94 0.95 -32.62
N ALA D 236 -28.90 0.12 -32.79
CA ALA D 236 -28.92 -1.33 -32.62
C ALA D 236 -29.05 -1.76 -31.15
N LEU D 237 -28.40 -1.01 -30.21
CA LEU D 237 -28.44 -1.26 -28.78
C LEU D 237 -29.78 -0.86 -28.17
N VAL D 238 -30.41 0.24 -28.66
CA VAL D 238 -31.76 0.66 -28.24
C VAL D 238 -32.79 -0.37 -28.73
N ALA D 239 -32.63 -0.85 -29.97
CA ALA D 239 -33.47 -1.91 -30.51
C ALA D 239 -33.48 -3.20 -29.67
N LYS D 240 -32.33 -3.63 -29.15
CA LYS D 240 -32.22 -4.86 -28.34
C LYS D 240 -32.84 -4.72 -26.93
N ILE D 241 -32.77 -3.51 -26.32
CA ILE D 241 -33.35 -3.19 -25.01
C ILE D 241 -34.89 -3.21 -25.05
N MET D 242 -35.51 -2.59 -26.08
CA MET D 242 -36.97 -2.42 -26.22
C MET D 242 -37.71 -3.76 -26.35
N ARG D 243 -37.13 -4.67 -27.15
CA ARG D 243 -37.56 -6.05 -27.42
C ARG D 243 -37.30 -6.91 -26.16
N GLY D 244 -36.19 -6.67 -25.49
CA GLY D 244 -35.93 -7.21 -24.16
C GLY D 244 -35.51 -8.66 -24.08
N LYS D 245 -35.25 -9.28 -25.24
CA LYS D 245 -34.77 -10.67 -25.34
C LYS D 245 -33.27 -10.69 -25.10
N TYR D 246 -32.82 -11.51 -24.11
CA TYR D 246 -31.41 -11.69 -23.72
C TYR D 246 -31.07 -13.17 -23.61
N ASP D 247 -29.78 -13.50 -23.65
CA ASP D 247 -29.34 -14.89 -23.50
C ASP D 247 -29.22 -15.28 -22.04
N VAL D 248 -29.56 -16.54 -21.77
CA VAL D 248 -29.44 -17.14 -20.45
C VAL D 248 -28.27 -18.13 -20.52
N PRO D 249 -27.05 -17.77 -20.05
CA PRO D 249 -25.94 -18.74 -20.04
C PRO D 249 -26.23 -20.00 -19.23
N LYS D 250 -25.60 -21.12 -19.63
CA LYS D 250 -25.85 -22.44 -19.08
C LYS D 250 -25.61 -22.53 -17.58
N TRP D 251 -24.53 -21.90 -17.10
CA TRP D 251 -24.07 -21.91 -15.70
C TRP D 251 -25.00 -21.18 -14.69
N LEU D 252 -26.02 -20.44 -15.18
CA LEU D 252 -27.00 -19.73 -14.36
C LEU D 252 -28.01 -20.69 -13.70
N SER D 253 -28.24 -20.52 -12.40
CA SER D 253 -29.21 -21.31 -11.61
C SER D 253 -30.65 -20.87 -11.91
N PRO D 254 -31.65 -21.77 -11.80
CA PRO D 254 -33.05 -21.32 -11.97
C PRO D 254 -33.51 -20.24 -10.98
N SER D 255 -32.91 -20.17 -9.78
CA SER D 255 -33.13 -19.09 -8.78
C SER D 255 -32.75 -17.74 -9.40
N SER D 256 -31.51 -17.67 -10.00
CA SER D 256 -30.98 -16.50 -10.72
C SER D 256 -31.84 -16.18 -11.95
N ILE D 257 -32.13 -17.20 -12.77
CA ILE D 257 -32.90 -17.05 -13.99
C ILE D 257 -34.25 -16.38 -13.69
N LEU D 258 -34.93 -16.84 -12.60
CA LEU D 258 -36.23 -16.35 -12.11
C LEU D 258 -36.17 -14.87 -11.72
N LEU D 259 -35.18 -14.48 -10.88
CA LEU D 259 -34.95 -13.09 -10.41
C LEU D 259 -34.59 -12.14 -11.57
N LEU D 260 -33.73 -12.60 -12.50
CA LEU D 260 -33.37 -11.86 -13.69
C LEU D 260 -34.59 -11.53 -14.56
N GLN D 261 -35.54 -12.48 -14.74
CA GLN D 261 -36.71 -12.15 -15.54
C GLN D 261 -37.72 -11.24 -14.78
N GLN D 262 -37.71 -11.27 -13.43
CA GLN D 262 -38.50 -10.38 -12.59
C GLN D 262 -37.99 -8.94 -12.66
N MET D 263 -36.65 -8.78 -12.66
CA MET D 263 -35.96 -7.48 -12.68
C MET D 263 -35.84 -6.94 -14.10
N LEU D 264 -35.66 -7.81 -15.12
CA LEU D 264 -35.53 -7.37 -16.51
C LEU D 264 -36.85 -7.54 -17.29
N GLN D 265 -37.88 -6.83 -16.83
CA GLN D 265 -39.16 -6.67 -17.49
C GLN D 265 -39.14 -5.37 -18.27
N VAL D 266 -39.62 -5.40 -19.52
CA VAL D 266 -39.65 -4.21 -20.40
C VAL D 266 -40.74 -3.24 -19.93
N ASP D 267 -41.88 -3.77 -19.46
CA ASP D 267 -42.94 -3.00 -18.81
C ASP D 267 -42.52 -2.65 -17.38
N PRO D 268 -42.46 -1.34 -17.02
CA PRO D 268 -42.05 -0.98 -15.64
C PRO D 268 -43.13 -1.25 -14.58
N LYS D 269 -44.41 -1.36 -15.02
CA LYS D 269 -45.53 -1.78 -14.19
C LYS D 269 -45.36 -3.26 -13.79
N LYS D 270 -44.85 -4.10 -14.72
CA LYS D 270 -44.52 -5.53 -14.53
C LYS D 270 -43.26 -5.76 -13.66
N ARG D 271 -42.31 -4.78 -13.59
CA ARG D 271 -41.06 -4.93 -12.83
C ARG D 271 -41.35 -5.23 -11.36
N ILE D 272 -40.44 -5.96 -10.69
CA ILE D 272 -40.52 -6.29 -9.26
C ILE D 272 -40.26 -5.03 -8.42
N SER D 273 -41.17 -4.70 -7.49
CA SER D 273 -41.03 -3.60 -6.53
C SER D 273 -39.87 -3.87 -5.55
N MET D 274 -39.27 -2.81 -4.98
CA MET D 274 -38.18 -2.86 -4.00
C MET D 274 -38.60 -3.60 -2.71
N LYS D 275 -39.86 -3.39 -2.28
CA LYS D 275 -40.46 -4.04 -1.11
C LYS D 275 -40.35 -5.58 -1.23
N ASN D 276 -40.54 -6.10 -2.45
CA ASN D 276 -40.42 -7.52 -2.80
C ASN D 276 -38.98 -7.95 -3.11
N LEU D 277 -38.12 -6.99 -3.52
CA LEU D 277 -36.71 -7.25 -3.79
C LEU D 277 -35.98 -7.56 -2.51
N LEU D 278 -36.17 -6.73 -1.48
CA LEU D 278 -35.54 -6.86 -0.17
C LEU D 278 -35.62 -8.27 0.43
N ASN D 279 -36.82 -8.88 0.39
CA ASN D 279 -37.08 -10.20 0.97
C ASN D 279 -37.27 -11.32 -0.09
N HIS D 280 -36.73 -11.12 -1.32
CA HIS D 280 -36.76 -12.13 -2.38
C HIS D 280 -36.01 -13.40 -1.92
N PRO D 281 -36.46 -14.64 -2.28
CA PRO D 281 -35.75 -15.85 -1.80
C PRO D 281 -34.31 -16.04 -2.29
N TRP D 282 -33.95 -15.46 -3.47
CA TRP D 282 -32.56 -15.48 -3.95
C TRP D 282 -31.74 -14.57 -3.08
N ILE D 283 -32.27 -13.37 -2.73
CA ILE D 283 -31.62 -12.43 -1.82
C ILE D 283 -31.44 -13.06 -0.43
N MET D 284 -32.36 -13.95 -0.05
CA MET D 284 -32.44 -14.54 1.27
C MET D 284 -31.58 -15.80 1.41
N GLN D 285 -31.34 -16.48 0.28
CA GLN D 285 -30.60 -17.74 0.19
C GLN D 285 -29.20 -17.62 0.88
N ASP D 286 -28.97 -18.42 1.94
CA ASP D 286 -27.76 -18.44 2.79
C ASP D 286 -27.76 -17.36 3.90
N TYR D 287 -28.48 -16.27 3.73
CA TYR D 287 -28.54 -15.22 4.75
C TYR D 287 -29.67 -15.41 5.78
N ASN D 288 -30.86 -15.86 5.32
CA ASN D 288 -32.05 -16.15 6.11
C ASN D 288 -32.53 -14.94 7.00
N TYR D 289 -32.29 -13.70 6.49
CA TYR D 289 -32.95 -12.45 6.88
C TYR D 289 -32.94 -11.45 5.66
N PRO D 290 -33.96 -10.57 5.47
CA PRO D 290 -33.91 -9.64 4.32
C PRO D 290 -32.85 -8.56 4.45
N VAL D 291 -32.59 -7.83 3.34
CA VAL D 291 -31.59 -6.76 3.28
C VAL D 291 -31.89 -5.65 4.30
N GLU D 292 -30.94 -5.38 5.21
CA GLU D 292 -31.03 -4.23 6.13
C GLU D 292 -30.70 -2.94 5.35
N TRP D 293 -31.75 -2.23 4.90
CA TRP D 293 -31.60 -1.07 4.04
C TRP D 293 -31.54 0.26 4.80
N GLN D 294 -32.15 0.33 6.00
CA GLN D 294 -32.23 1.56 6.80
C GLN D 294 -30.87 2.06 7.22
N SER D 295 -30.71 3.39 7.17
CA SER D 295 -29.47 4.07 7.48
C SER D 295 -29.05 3.96 8.95
N LYS D 296 -27.83 3.47 9.16
CA LYS D 296 -27.18 3.43 10.47
C LYS D 296 -26.46 4.77 10.72
N ASN D 297 -26.41 5.69 9.69
CA ASN D 297 -25.72 6.99 9.75
C ASN D 297 -26.74 8.18 9.90
N PRO D 298 -27.01 8.68 11.15
CA PRO D 298 -28.12 9.63 11.34
C PRO D 298 -27.78 11.12 11.25
N PHE D 299 -28.80 11.96 10.97
CA PHE D 299 -28.68 13.42 10.96
C PHE D 299 -28.92 13.98 12.38
N ILE D 300 -29.55 13.17 13.27
CA ILE D 300 -29.89 13.51 14.66
C ILE D 300 -29.00 12.77 15.70
N HIS D 301 -28.06 13.52 16.31
CA HIS D 301 -27.03 13.16 17.28
C HIS D 301 -27.38 12.07 18.30
N LEU D 302 -26.41 11.18 18.58
CA LEU D 302 -26.45 10.15 19.63
C LEU D 302 -25.10 10.03 20.35
N ASP D 303 -23.99 9.79 19.60
CA ASP D 303 -22.66 9.52 20.17
C ASP D 303 -21.90 10.81 20.50
N ASP D 304 -22.20 11.32 21.71
CA ASP D 304 -21.81 12.62 22.29
C ASP D 304 -20.33 12.73 22.68
N ASP D 305 -19.56 11.64 22.53
CA ASP D 305 -18.10 11.63 22.75
C ASP D 305 -17.41 12.57 21.74
N CYS D 306 -17.96 12.60 20.50
CA CYS D 306 -17.56 13.48 19.41
C CYS D 306 -17.95 14.93 19.68
N VAL D 307 -19.20 15.17 20.12
CA VAL D 307 -19.70 16.47 20.58
C VAL D 307 -18.78 17.08 21.69
N THR D 308 -18.40 16.27 22.70
CA THR D 308 -17.58 16.71 23.84
C THR D 308 -16.11 16.96 23.46
N GLU D 309 -15.51 16.10 22.62
CA GLU D 309 -14.15 16.34 22.12
C GLU D 309 -14.09 17.62 21.26
N LEU D 310 -15.18 17.90 20.51
CA LEU D 310 -15.39 19.14 19.75
C LEU D 310 -15.84 20.33 20.67
N SER D 311 -15.80 20.13 22.01
CA SER D 311 -15.96 21.19 23.00
C SER D 311 -14.58 21.62 23.54
N VAL D 312 -13.71 20.65 23.93
CA VAL D 312 -12.34 20.92 24.40
C VAL D 312 -11.50 21.58 23.27
N HIS D 313 -11.74 21.20 22.00
CA HIS D 313 -11.07 21.83 20.88
C HIS D 313 -11.78 23.16 20.50
N HIS D 314 -12.88 23.06 19.72
CA HIS D 314 -13.61 24.21 19.18
C HIS D 314 -14.32 24.99 20.27
N GLN D 319 -17.13 25.74 22.52
CA GLN D 319 -16.57 25.41 23.83
C GLN D 319 -17.64 25.06 24.91
N THR D 320 -18.95 25.22 24.55
CA THR D 320 -20.13 24.77 25.32
C THR D 320 -20.86 23.66 24.54
N MET D 321 -21.16 22.52 25.22
CA MET D 321 -21.96 21.42 24.66
C MET D 321 -23.19 21.95 23.93
N GLU D 322 -23.13 21.79 22.59
CA GLU D 322 -23.74 22.50 21.46
C GLU D 322 -25.08 23.29 21.74
N ASP D 323 -25.33 24.48 21.11
CA ASP D 323 -24.59 25.29 20.10
C ASP D 323 -24.67 24.72 18.65
N LEU D 324 -25.27 23.53 18.50
CA LEU D 324 -25.74 22.89 17.28
C LEU D 324 -24.66 22.64 16.21
N ILE D 325 -24.25 21.34 16.06
CA ILE D 325 -23.56 20.78 14.88
C ILE D 325 -24.66 20.51 13.81
N SER D 326 -25.90 20.33 14.29
CA SER D 326 -27.14 20.07 13.55
C SER D 326 -27.46 21.08 12.41
N LEU D 327 -26.62 22.14 12.27
CA LEU D 327 -26.66 23.08 11.14
C LEU D 327 -26.39 22.38 9.80
N TRP D 328 -25.49 21.35 9.80
CA TRP D 328 -25.04 20.56 8.63
C TRP D 328 -24.75 21.44 7.40
N GLN D 329 -23.84 22.40 7.58
CA GLN D 329 -23.41 23.39 6.57
C GLN D 329 -22.40 22.81 5.57
N TYR D 330 -21.82 21.63 5.87
CA TYR D 330 -20.78 20.94 5.12
C TYR D 330 -19.56 21.83 4.94
N ASP D 331 -19.13 22.41 6.08
CA ASP D 331 -17.92 23.21 6.26
C ASP D 331 -16.90 22.36 7.04
N HIS D 332 -15.93 22.98 7.75
CA HIS D 332 -14.86 22.23 8.41
C HIS D 332 -15.36 21.46 9.62
N LEU D 333 -16.37 21.99 10.33
CA LEU D 333 -17.01 21.40 11.51
C LEU D 333 -17.69 20.06 11.20
N THR D 334 -18.47 20.00 10.08
CA THR D 334 -19.14 18.81 9.55
C THR D 334 -18.13 17.76 9.14
N ALA D 335 -17.00 18.20 8.54
CA ALA D 335 -15.89 17.32 8.12
C ALA D 335 -15.22 16.67 9.31
N THR D 336 -14.92 17.48 10.36
CA THR D 336 -14.27 17.09 11.61
C THR D 336 -15.17 16.16 12.42
N TYR D 337 -16.49 16.49 12.56
CA TYR D 337 -17.44 15.64 13.29
C TYR D 337 -17.53 14.25 12.68
N LEU D 338 -17.88 14.17 11.38
CA LEU D 338 -18.06 12.92 10.65
C LEU D 338 -16.82 12.03 10.63
N LEU D 339 -15.62 12.63 10.47
CA LEU D 339 -14.35 11.90 10.46
C LEU D 339 -13.97 11.41 11.86
N LEU D 340 -14.40 12.14 12.92
CA LEU D 340 -14.24 11.71 14.32
C LEU D 340 -15.14 10.51 14.58
N LEU D 341 -16.39 10.59 14.12
CA LEU D 341 -17.37 9.51 14.18
C LEU D 341 -16.91 8.28 13.36
N ALA D 342 -16.15 8.50 12.27
CA ALA D 342 -15.48 7.43 11.51
C ALA D 342 -14.32 6.86 12.33
N LYS D 343 -13.49 7.74 12.94
CA LYS D 343 -12.30 7.41 13.76
C LYS D 343 -12.65 6.52 14.94
N LYS D 344 -13.75 6.83 15.66
CA LYS D 344 -14.26 6.02 16.76
C LYS D 344 -14.69 4.62 16.30
N ALA D 345 -15.44 4.55 15.17
CA ALA D 345 -15.95 3.31 14.56
C ALA D 345 -14.85 2.35 14.09
N ARG D 346 -13.71 2.88 13.60
CA ARG D 346 -12.58 2.10 13.07
C ARG D 346 -11.80 1.39 14.18
N GLY D 347 -11.97 1.85 15.41
CA GLY D 347 -11.29 1.30 16.59
C GLY D 347 -10.18 2.19 17.09
N LYS D 348 -9.86 3.24 16.30
CA LYS D 348 -8.86 4.26 16.64
C LYS D 348 -9.40 5.21 17.74
N PRO D 349 -8.56 5.67 18.70
CA PRO D 349 -9.08 6.58 19.74
C PRO D 349 -9.52 7.97 19.26
N VAL D 350 -10.55 8.51 19.94
CA VAL D 350 -11.16 9.84 19.73
C VAL D 350 -10.15 10.94 20.18
N ARG D 351 -9.28 11.40 19.26
CA ARG D 351 -8.32 12.47 19.55
C ARG D 351 -8.26 13.54 18.48
N LEU D 352 -8.31 14.81 18.90
CA LEU D 352 -8.38 15.97 18.01
C LEU D 352 -7.28 16.99 18.35
N ARG D 353 -6.23 17.05 17.49
CA ARG D 353 -5.05 17.89 17.72
C ARG D 353 -5.31 19.39 17.52
#